data_9MML
#
_entry.id   9MML
#
_cell.length_a   1.00
_cell.length_b   1.00
_cell.length_c   1.00
_cell.angle_alpha   90.00
_cell.angle_beta   90.00
_cell.angle_gamma   90.00
#
_symmetry.space_group_name_H-M   'P 1'
#
loop_
_entity.id
_entity.type
_entity.pdbx_description
1 polymer '1A6 heavy chain'
2 polymer '1A6 light chain'
3 polymer 'RB1 heavy chain'
4 polymer 'RB1 light chain'
#
loop_
_entity_poly.entity_id
_entity_poly.type
_entity_poly.pdbx_seq_one_letter_code
_entity_poly.pdbx_strand_id
1 'polypeptide(L)'
;QVQLVESGGGLVQPGGSLRLSCAASGFTFSSYAMNWVRQAPGKGLEWVSLISGSGSSTYYADSVKGRFTISRDNSKNTLY
LQMNSLRAEDTAVYYCARFHTHGGYFDIWGQGTLVTVSSASTKGPSVFPLAPSSKSTSGGTAALGCLVKDYFPEPVTVSW
NSGALTSGVHTFPAVLQSSGLYSLSSVVTVPSSSLGTQTYICNVNHKPSNTKVDKKVEPKSCD
;
H
2 'polypeptide(L)'
;DIALTQPASVSGSPGQSITISCTGTSSDIGAYTYGSWYQQHPGKAPKLMIYGVNNRPSGVSNRFSGSKSGNTASLTISGL
QAEDEADYYCASFDFSVSGVVFGGGTKLTVLGQPKAAPSVTLFPPSSEELQANKATLVCLISDFYPGAVTVAWKADSSPV
KAGVETTTPSKQSNNKYAASSYLSLTPEQWKSHRSYSCQVTHEGSTVEKTVAPTECS
;
L
3 'polypeptide(L)'
;EVQLVESGGGLVRPGRSLRLSCTVSGFSFDDSAMSWVRQAPGKGLEWISFIKSKTYGGTKEYAASVKGRFTISRDDSKNI
AYLQMNSLKTEDTAVYYCTRGAPYGGNSDYYYGLDVWGQGTTVTVSSASTKGPSVFPLAPSSKSTSGGTAALGCLVKDYF
PEPVTVSWNSGALTSGVHTFPAVLQSSGLYSLSSVVTVPSSSLGTQTYICNVNHKPSNTKVDKKVEPKSCD
;
M
4 'polypeptide(L)'
;DIQMTQSPSSLSASVGDRVTITCRTSQDVRGALAWYQQKPGKAPKLLIFDASSLETGVPSRFSGSGSGTVFTLTISSLQP
EDFAAYYCQQFLDFPFTFGQGTRLEIKRTVAAPSVFIFPPSDEQLKSGTASVVCLLNNFYPREAKVQWKVDNALQSGNSQ
ESVTEQDSKDSTYSLSSTLTLSKADYEKHKVYACEVTHQGLSSPVTKSFNRGEC
;
N
#
# COMPACT_ATOMS: atom_id res chain seq x y z
N GLN A 1 4.71 4.27 -21.33
CA GLN A 1 3.70 3.32 -20.88
C GLN A 1 4.22 1.89 -20.94
N VAL A 2 3.68 1.03 -20.10
CA VAL A 2 4.08 -0.37 -20.03
C VAL A 2 2.98 -1.23 -20.63
N GLN A 3 3.33 -2.07 -21.60
CA GLN A 3 2.35 -2.74 -22.44
C GLN A 3 2.62 -4.24 -22.49
N LEU A 4 1.54 -5.00 -22.46
CA LEU A 4 1.58 -6.45 -22.59
C LEU A 4 0.67 -6.81 -23.75
N VAL A 5 1.24 -7.48 -24.75
CA VAL A 5 0.50 -7.87 -25.95
C VAL A 5 0.48 -9.39 -26.14
N GLU A 6 -0.69 -9.93 -26.46
CA GLU A 6 -0.83 -11.38 -26.66
C GLU A 6 -1.08 -11.72 -28.13
N SER A 7 -0.31 -12.66 -28.65
CA SER A 7 -0.44 -13.10 -30.03
C SER A 7 -0.48 -14.63 -30.07
N GLY A 8 -1.17 -15.20 -31.05
CA GLY A 8 -1.28 -16.63 -31.14
C GLY A 8 -2.60 -17.12 -30.62
N GLY A 9 -3.46 -17.59 -31.52
CA GLY A 9 -4.79 -17.98 -31.12
C GLY A 9 -5.58 -18.47 -32.31
N GLY A 10 -6.88 -18.60 -32.12
CA GLY A 10 -7.75 -19.03 -33.19
C GLY A 10 -8.33 -20.41 -32.98
N LEU A 11 -8.54 -21.14 -34.07
CA LEU A 11 -9.23 -22.42 -34.07
C LEU A 11 -8.23 -23.55 -34.10
N VAL A 12 -8.34 -24.47 -33.14
CA VAL A 12 -7.45 -25.61 -33.02
C VAL A 12 -8.28 -26.87 -32.98
N GLN A 13 -8.03 -27.78 -33.91
CA GLN A 13 -8.61 -29.10 -33.80
C GLN A 13 -8.10 -29.76 -32.52
N PRO A 14 -8.96 -30.43 -31.76
CA PRO A 14 -8.54 -30.98 -30.47
C PRO A 14 -7.27 -31.83 -30.58
N GLY A 15 -6.19 -31.33 -29.99
CA GLY A 15 -4.91 -32.01 -30.05
C GLY A 15 -3.79 -31.15 -30.58
N GLY A 16 -4.10 -29.91 -30.96
CA GLY A 16 -3.12 -29.02 -31.54
C GLY A 16 -2.23 -28.38 -30.50
N SER A 17 -1.44 -27.40 -30.96
CA SER A 17 -0.40 -26.81 -30.14
C SER A 17 -0.68 -25.37 -29.78
N LEU A 18 -0.81 -24.47 -30.75
CA LEU A 18 -1.12 -23.06 -30.51
C LEU A 18 -0.15 -22.43 -29.49
N ARG A 19 1.10 -22.30 -29.88
CA ARG A 19 2.06 -21.60 -29.05
C ARG A 19 1.70 -20.11 -28.97
N LEU A 20 1.37 -19.65 -27.76
CA LEU A 20 1.02 -18.25 -27.53
C LEU A 20 2.26 -17.50 -27.08
N SER A 21 2.38 -16.25 -27.53
CA SER A 21 3.49 -15.41 -27.13
C SER A 21 2.97 -14.07 -26.63
N CYS A 22 3.36 -13.69 -25.42
CA CYS A 22 3.06 -12.37 -24.91
C CYS A 22 4.36 -11.57 -24.88
N ALA A 23 4.36 -10.45 -25.57
CA ALA A 23 5.48 -9.53 -25.63
C ALA A 23 5.19 -8.32 -24.74
N ALA A 24 6.22 -7.93 -23.99
CA ALA A 24 6.06 -6.94 -22.94
C ALA A 24 7.12 -5.87 -23.09
N SER A 25 6.70 -4.63 -22.87
CA SER A 25 7.62 -3.50 -22.98
C SER A 25 7.35 -2.51 -21.86
N GLY A 26 8.41 -1.83 -21.43
CA GLY A 26 8.32 -0.80 -20.43
C GLY A 26 8.88 -1.17 -19.07
N PHE A 27 8.96 -2.45 -18.76
CA PHE A 27 9.51 -2.93 -17.50
C PHE A 27 10.62 -3.92 -17.77
N THR A 28 11.55 -4.03 -16.84
CA THR A 28 12.60 -5.03 -16.95
C THR A 28 11.98 -6.42 -16.91
N PHE A 29 12.00 -7.10 -18.05
CA PHE A 29 11.33 -8.39 -18.15
C PHE A 29 12.03 -9.45 -17.33
N SER A 30 13.31 -9.24 -17.01
CA SER A 30 14.08 -10.29 -16.35
C SER A 30 13.66 -10.47 -14.89
N SER A 31 13.34 -9.38 -14.20
CA SER A 31 13.22 -9.43 -12.76
C SER A 31 11.82 -9.74 -12.26
N TYR A 32 10.82 -9.83 -13.14
CA TYR A 32 9.44 -10.00 -12.73
C TYR A 32 8.91 -11.36 -13.14
N ALA A 33 8.07 -11.94 -12.28
CA ALA A 33 7.39 -13.17 -12.61
C ALA A 33 6.18 -12.92 -13.50
N MET A 34 5.83 -13.90 -14.31
CA MET A 34 4.75 -13.76 -15.28
C MET A 34 3.79 -14.93 -15.17
N ASN A 35 2.49 -14.62 -15.19
CA ASN A 35 1.46 -15.64 -15.07
C ASN A 35 0.54 -15.61 -16.29
N TRP A 36 -0.17 -16.71 -16.47
CA TRP A 36 -1.20 -16.84 -17.49
C TRP A 36 -2.55 -17.10 -16.83
N VAL A 37 -3.57 -16.35 -17.25
CA VAL A 37 -4.89 -16.44 -16.66
C VAL A 37 -5.90 -16.74 -17.77
N ARG A 38 -6.75 -17.73 -17.54
CA ARG A 38 -7.68 -18.21 -18.55
C ARG A 38 -9.11 -17.96 -18.10
N GLN A 39 -9.91 -17.38 -18.99
CA GLN A 39 -11.31 -17.08 -18.70
C GLN A 39 -12.18 -17.77 -19.73
N ALA A 40 -12.93 -18.78 -19.29
CA ALA A 40 -13.88 -19.43 -20.17
C ALA A 40 -15.01 -18.46 -20.51
N PRO A 41 -15.57 -18.54 -21.71
CA PRO A 41 -16.61 -17.57 -22.09
C PRO A 41 -17.84 -17.68 -21.22
N GLY A 42 -18.11 -16.62 -20.44
CA GLY A 42 -19.24 -16.59 -19.55
C GLY A 42 -18.98 -17.06 -18.14
N LYS A 43 -17.80 -17.61 -17.86
CA LYS A 43 -17.45 -18.07 -16.53
C LYS A 43 -16.36 -17.17 -15.94
N GLY A 44 -15.87 -17.55 -14.76
CA GLY A 44 -14.91 -16.74 -14.05
C GLY A 44 -13.48 -17.01 -14.45
N LEU A 45 -12.58 -16.25 -13.83
CA LEU A 45 -11.15 -16.35 -14.08
C LEU A 45 -10.56 -17.55 -13.35
N GLU A 46 -9.44 -18.04 -13.88
CA GLU A 46 -8.67 -19.05 -13.18
C GLU A 46 -7.23 -19.03 -13.69
N TRP A 47 -6.35 -19.58 -12.89
CA TRP A 47 -4.91 -19.48 -13.08
C TRP A 47 -4.36 -20.73 -13.74
N VAL A 48 -3.37 -20.55 -14.62
CA VAL A 48 -2.86 -21.64 -15.43
C VAL A 48 -1.38 -21.87 -15.19
N SER A 49 -0.58 -20.83 -15.25
CA SER A 49 0.87 -21.01 -15.25
C SER A 49 1.58 -19.80 -14.64
N LEU A 50 2.75 -20.08 -14.06
CA LEU A 50 3.61 -19.05 -13.50
C LEU A 50 5.08 -19.37 -13.80
N ILE A 51 5.79 -18.36 -14.30
CA ILE A 51 7.22 -18.39 -14.58
C ILE A 51 7.91 -17.36 -13.69
N SER A 52 8.97 -17.78 -13.01
CA SER A 52 9.72 -16.85 -12.18
C SER A 52 10.70 -16.04 -13.02
N GLY A 53 11.32 -15.05 -12.39
CA GLY A 53 12.18 -14.13 -13.13
C GLY A 53 13.38 -14.81 -13.75
N SER A 54 14.06 -15.66 -13.00
CA SER A 54 15.25 -16.34 -13.49
C SER A 54 14.94 -17.58 -14.31
N GLY A 55 13.67 -17.96 -14.42
CA GLY A 55 13.32 -19.21 -15.06
C GLY A 55 13.59 -20.38 -14.14
N SER A 56 13.35 -21.57 -14.66
CA SER A 56 13.55 -22.85 -13.97
C SER A 56 12.74 -22.94 -12.69
N SER A 57 11.73 -22.09 -12.51
CA SER A 57 10.78 -22.19 -11.41
C SER A 57 9.39 -22.10 -12.03
N THR A 58 8.88 -23.22 -12.51
CA THR A 58 7.64 -23.27 -13.27
C THR A 58 6.55 -23.91 -12.42
N TYR A 59 5.42 -23.21 -12.30
CA TYR A 59 4.29 -23.73 -11.53
C TYR A 59 3.04 -23.70 -12.37
N TYR A 60 2.45 -24.88 -12.61
CA TYR A 60 1.20 -24.99 -13.34
C TYR A 60 0.05 -25.18 -12.37
N ALA A 61 -1.16 -25.15 -12.91
CA ALA A 61 -2.36 -25.44 -12.14
C ALA A 61 -2.59 -26.94 -12.10
N ASP A 62 -3.67 -27.36 -11.43
CA ASP A 62 -3.97 -28.77 -11.32
C ASP A 62 -4.55 -29.33 -12.61
N SER A 63 -5.44 -28.59 -13.27
CA SER A 63 -6.12 -29.10 -14.44
C SER A 63 -5.13 -29.44 -15.55
N VAL A 64 -4.14 -28.58 -15.76
CA VAL A 64 -3.07 -28.85 -16.70
C VAL A 64 -1.76 -28.98 -15.94
N LYS A 65 -1.17 -30.17 -15.98
CA LYS A 65 0.13 -30.37 -15.36
C LYS A 65 1.12 -31.12 -16.24
N GLY A 66 0.68 -31.75 -17.33
CA GLY A 66 1.59 -32.41 -18.23
C GLY A 66 1.37 -32.01 -19.66
N ARG A 67 0.71 -30.87 -19.86
CA ARG A 67 0.29 -30.45 -21.19
C ARG A 67 0.84 -29.08 -21.60
N PHE A 68 0.90 -28.12 -20.69
CA PHE A 68 1.33 -26.76 -21.03
C PHE A 68 2.76 -26.55 -20.54
N THR A 69 3.61 -26.05 -21.42
CA THR A 69 5.00 -25.75 -21.07
C THR A 69 5.26 -24.27 -21.33
N ILE A 70 6.00 -23.66 -20.41
CA ILE A 70 6.10 -22.21 -20.31
C ILE A 70 7.58 -21.80 -20.35
N SER A 71 7.91 -20.87 -21.24
CA SER A 71 9.30 -20.45 -21.40
C SER A 71 9.36 -18.94 -21.55
N ARG A 72 10.19 -18.29 -20.74
CA ARG A 72 10.44 -16.87 -20.87
C ARG A 72 11.76 -16.66 -21.61
N ASP A 73 11.77 -15.72 -22.55
CA ASP A 73 12.99 -15.36 -23.25
C ASP A 73 13.27 -13.90 -22.96
N ASN A 74 14.19 -13.65 -22.02
CA ASN A 74 14.59 -12.28 -21.74
C ASN A 74 15.37 -11.69 -22.91
N SER A 75 16.11 -12.52 -23.65
CA SER A 75 16.85 -12.04 -24.81
C SER A 75 15.91 -11.50 -25.88
N LYS A 76 14.82 -12.21 -26.15
CA LYS A 76 13.76 -11.71 -27.01
C LYS A 76 12.67 -10.97 -26.24
N ASN A 77 12.75 -10.94 -24.91
CA ASN A 77 11.90 -10.09 -24.08
C ASN A 77 10.43 -10.49 -24.14
N THR A 78 10.12 -11.75 -24.42
CA THR A 78 8.74 -12.21 -24.45
C THR A 78 8.60 -13.47 -23.62
N LEU A 79 7.40 -14.06 -23.66
CA LEU A 79 7.17 -15.29 -22.92
C LEU A 79 6.09 -16.11 -23.61
N TYR A 80 6.34 -17.40 -23.73
CA TYR A 80 5.54 -18.30 -24.55
C TYR A 80 4.93 -19.41 -23.71
N LEU A 81 3.67 -19.71 -23.98
CA LEU A 81 2.95 -20.84 -23.41
C LEU A 81 2.58 -21.77 -24.54
N GLN A 82 2.88 -23.06 -24.37
CA GLN A 82 2.63 -24.06 -25.40
C GLN A 82 1.67 -25.09 -24.82
N MET A 83 0.57 -25.34 -25.52
CA MET A 83 -0.35 -26.39 -25.09
C MET A 83 -0.17 -27.63 -25.94
N ASN A 84 -0.39 -28.77 -25.30
CA ASN A 84 -0.52 -30.06 -25.98
C ASN A 84 -1.77 -30.73 -25.45
N SER A 85 -2.42 -31.53 -26.31
CA SER A 85 -3.61 -32.29 -25.93
C SER A 85 -4.66 -31.39 -25.29
N LEU A 86 -5.14 -30.45 -26.08
CA LEU A 86 -6.04 -29.40 -25.60
C LEU A 86 -7.46 -29.91 -25.71
N ARG A 87 -8.12 -30.10 -24.56
CA ARG A 87 -9.45 -30.70 -24.60
C ARG A 87 -10.48 -29.67 -25.08
N ALA A 88 -11.69 -30.16 -25.33
CA ALA A 88 -12.76 -29.27 -25.76
C ALA A 88 -13.15 -28.27 -24.68
N GLU A 89 -12.83 -28.58 -23.43
CA GLU A 89 -13.26 -27.71 -22.34
C GLU A 89 -12.42 -26.44 -22.23
N ASP A 90 -11.20 -26.47 -22.75
CA ASP A 90 -10.26 -25.35 -22.58
C ASP A 90 -10.34 -24.35 -23.72
N THR A 91 -11.55 -23.86 -24.03
CA THR A 91 -11.74 -22.75 -24.95
C THR A 91 -11.95 -21.50 -24.13
N ALA A 92 -11.11 -20.50 -24.34
CA ALA A 92 -11.12 -19.38 -23.40
C ALA A 92 -10.33 -18.20 -23.95
N VAL A 93 -10.42 -17.09 -23.24
CA VAL A 93 -9.56 -15.94 -23.44
C VAL A 93 -8.36 -16.09 -22.52
N TYR A 94 -7.17 -15.96 -23.10
CA TYR A 94 -5.96 -16.10 -22.33
C TYR A 94 -5.36 -14.74 -22.08
N TYR A 95 -5.11 -14.46 -20.82
CA TYR A 95 -4.57 -13.18 -20.39
C TYR A 95 -3.17 -13.35 -19.85
N CYS A 96 -2.29 -12.46 -20.29
CA CYS A 96 -0.92 -12.44 -19.87
C CYS A 96 -0.91 -11.52 -18.65
N ALA A 97 -0.26 -11.93 -17.57
CA ALA A 97 -0.23 -11.08 -16.38
C ALA A 97 1.17 -10.96 -15.77
N ARG A 98 1.46 -9.82 -15.18
CA ARG A 98 2.75 -9.60 -14.52
C ARG A 98 2.61 -9.62 -13.01
N PHE A 99 3.51 -10.34 -12.35
CA PHE A 99 3.64 -10.32 -10.91
C PHE A 99 4.64 -9.25 -10.49
N HIS A 100 4.26 -8.45 -9.50
CA HIS A 100 5.16 -7.42 -9.02
C HIS A 100 6.31 -8.05 -8.24
N THR A 101 7.37 -7.27 -8.05
CA THR A 101 8.53 -7.73 -7.30
C THR A 101 8.10 -8.27 -5.93
N HIS A 102 7.32 -7.48 -5.19
CA HIS A 102 6.79 -7.89 -3.90
C HIS A 102 5.51 -8.68 -4.17
N GLY A 103 5.70 -9.94 -4.53
CA GLY A 103 4.73 -10.68 -5.31
C GLY A 103 3.42 -10.96 -4.60
N GLY A 104 2.44 -11.35 -5.42
CA GLY A 104 1.12 -11.70 -4.94
C GLY A 104 0.01 -11.17 -5.81
N TYR A 105 0.21 -10.04 -6.47
CA TYR A 105 -0.83 -9.38 -7.22
C TYR A 105 -0.42 -9.17 -8.67
N PHE A 106 -1.39 -9.31 -9.57
CA PHE A 106 -1.16 -9.17 -11.00
C PHE A 106 -1.17 -7.69 -11.34
N ASP A 107 0.02 -7.12 -11.52
CA ASP A 107 0.13 -5.67 -11.70
C ASP A 107 -0.48 -5.22 -13.02
N ILE A 108 -0.10 -5.84 -14.12
CA ILE A 108 -0.57 -5.44 -15.44
C ILE A 108 -1.07 -6.68 -16.17
N TRP A 109 -2.20 -6.52 -16.85
CA TRP A 109 -2.85 -7.57 -17.60
C TRP A 109 -2.77 -7.29 -19.09
N GLY A 110 -2.57 -8.35 -19.87
CA GLY A 110 -2.59 -8.23 -21.31
C GLY A 110 -4.00 -8.08 -21.85
N GLN A 111 -4.08 -7.77 -23.14
CA GLN A 111 -5.38 -7.53 -23.75
C GLN A 111 -6.20 -8.81 -23.83
N GLY A 112 -5.58 -9.92 -24.21
CA GLY A 112 -6.28 -11.19 -24.27
C GLY A 112 -6.35 -11.76 -25.67
N THR A 113 -6.16 -13.08 -25.79
CA THR A 113 -6.25 -13.76 -27.08
C THR A 113 -7.21 -14.93 -26.95
N LEU A 114 -7.96 -15.19 -28.01
CA LEU A 114 -9.02 -16.19 -27.96
C LEU A 114 -8.53 -17.53 -28.50
N VAL A 115 -8.71 -18.59 -27.72
CA VAL A 115 -8.32 -19.93 -28.12
C VAL A 115 -9.59 -20.77 -28.12
N THR A 116 -10.02 -21.21 -29.31
CA THR A 116 -11.22 -22.01 -29.45
C THR A 116 -10.84 -23.35 -30.09
N VAL A 117 -11.42 -24.42 -29.57
CA VAL A 117 -11.25 -25.76 -30.12
C VAL A 117 -12.62 -26.33 -30.45
N SER A 118 -12.77 -26.81 -31.69
CA SER A 118 -14.02 -27.37 -32.18
C SER A 118 -13.75 -28.00 -33.53
N SER A 119 -14.39 -29.13 -33.79
CA SER A 119 -14.19 -29.83 -35.06
C SER A 119 -14.70 -29.03 -36.25
N ALA A 120 -15.54 -28.03 -36.01
CA ALA A 120 -16.05 -27.21 -37.10
C ALA A 120 -14.91 -26.47 -37.77
N SER A 121 -14.99 -26.33 -39.09
CA SER A 121 -13.96 -25.63 -39.85
C SER A 121 -14.23 -24.14 -39.85
N THR A 122 -13.22 -23.37 -40.24
CA THR A 122 -13.38 -21.93 -40.35
C THR A 122 -14.27 -21.61 -41.55
N LYS A 123 -15.30 -20.80 -41.33
CA LYS A 123 -16.21 -20.38 -42.38
C LYS A 123 -16.13 -18.87 -42.49
N GLY A 124 -15.64 -18.38 -43.62
CA GLY A 124 -15.51 -16.96 -43.84
C GLY A 124 -16.85 -16.24 -43.79
N PRO A 125 -16.85 -15.04 -43.25
CA PRO A 125 -18.11 -14.30 -43.14
C PRO A 125 -18.71 -13.99 -44.50
N SER A 126 -20.02 -14.11 -44.60
CA SER A 126 -20.78 -13.66 -45.76
C SER A 126 -21.40 -12.32 -45.39
N VAL A 127 -21.01 -11.27 -46.10
CA VAL A 127 -21.39 -9.91 -45.76
C VAL A 127 -22.52 -9.48 -46.68
N PHE A 128 -23.62 -9.02 -46.09
CA PHE A 128 -24.75 -8.51 -46.84
C PHE A 128 -25.07 -7.11 -46.34
N PRO A 129 -25.37 -6.17 -47.22
CA PRO A 129 -25.70 -4.82 -46.76
C PRO A 129 -27.18 -4.63 -46.45
N LEU A 130 -27.50 -4.25 -45.22
CA LEU A 130 -28.86 -3.86 -44.83
C LEU A 130 -28.92 -2.35 -45.07
N ALA A 131 -29.35 -1.97 -46.27
CA ALA A 131 -29.29 -0.58 -46.69
C ALA A 131 -30.33 0.24 -45.93
N PRO A 132 -30.14 1.55 -45.85
CA PRO A 132 -31.10 2.39 -45.13
C PRO A 132 -32.42 2.49 -45.85
N SER A 133 -33.45 1.84 -45.33
CA SER A 133 -34.78 1.90 -45.91
C SER A 133 -35.62 2.95 -45.19
N GLY A 140 -34.26 12.82 -39.25
CA GLY A 140 -33.06 13.48 -39.71
C GLY A 140 -31.87 12.56 -39.81
N THR A 141 -31.82 11.57 -38.93
CA THR A 141 -30.76 10.56 -38.92
C THR A 141 -31.39 9.20 -39.14
N ALA A 142 -30.78 8.41 -40.01
CA ALA A 142 -31.27 7.08 -40.33
C ALA A 142 -30.17 6.06 -40.11
N ALA A 143 -30.56 4.83 -39.79
CA ALA A 143 -29.63 3.76 -39.48
C ALA A 143 -29.57 2.79 -40.65
N LEU A 144 -28.36 2.43 -41.05
CA LEU A 144 -28.15 1.39 -42.05
C LEU A 144 -26.85 0.67 -41.70
N GLY A 145 -26.72 -0.56 -42.18
CA GLY A 145 -25.52 -1.28 -41.80
C GLY A 145 -25.21 -2.56 -42.56
N CYS A 146 -24.51 -3.46 -41.89
CA CYS A 146 -24.06 -4.71 -42.51
C CYS A 146 -24.40 -5.88 -41.60
N LEU A 147 -24.66 -7.01 -42.23
CA LEU A 147 -24.92 -8.26 -41.52
C LEU A 147 -23.94 -9.32 -42.03
N VAL A 148 -23.21 -9.94 -41.11
CA VAL A 148 -22.28 -10.99 -41.42
C VAL A 148 -22.88 -12.31 -40.93
N LYS A 149 -23.03 -13.26 -41.84
CA LYS A 149 -23.59 -14.56 -41.52
C LYS A 149 -22.53 -15.63 -41.74
N ASP A 150 -22.60 -16.71 -40.95
CA ASP A 150 -21.72 -17.86 -41.10
C ASP A 150 -20.26 -17.49 -40.85
N TYR A 151 -19.98 -17.05 -39.63
CA TYR A 151 -18.63 -16.79 -39.18
C TYR A 151 -18.30 -17.73 -38.03
N PHE A 152 -17.15 -18.39 -38.11
CA PHE A 152 -16.71 -19.29 -37.05
C PHE A 152 -15.20 -19.44 -37.08
N PRO A 153 -14.48 -19.10 -35.99
CA PRO A 153 -14.98 -18.57 -34.71
C PRO A 153 -14.80 -17.06 -34.59
N GLU A 154 -15.14 -16.48 -33.44
CA GLU A 154 -14.99 -15.05 -33.25
C GLU A 154 -13.52 -14.67 -33.10
N PRO A 155 -13.19 -13.39 -33.24
CA PRO A 155 -14.09 -12.26 -33.49
C PRO A 155 -13.91 -11.68 -34.89
N VAL A 156 -14.89 -10.90 -35.37
CA VAL A 156 -14.84 -10.28 -36.67
C VAL A 156 -14.88 -8.76 -36.48
N THR A 157 -13.93 -8.06 -37.10
CA THR A 157 -13.87 -6.62 -37.02
C THR A 157 -14.72 -6.04 -38.15
N VAL A 158 -15.67 -5.18 -37.81
CA VAL A 158 -16.54 -4.52 -38.77
C VAL A 158 -16.26 -3.03 -38.67
N SER A 159 -15.48 -2.50 -39.60
CA SER A 159 -15.10 -1.10 -39.61
C SER A 159 -15.86 -0.39 -40.71
N TRP A 160 -16.63 0.62 -40.35
CA TRP A 160 -17.46 1.36 -41.30
C TRP A 160 -16.69 2.60 -41.76
N ASN A 161 -16.74 2.85 -43.07
CA ASN A 161 -16.09 4.01 -43.68
C ASN A 161 -14.56 3.89 -43.72
N SER A 162 -14.05 2.66 -43.81
CA SER A 162 -12.62 2.41 -43.86
C SER A 162 -11.92 2.80 -42.55
N GLY A 163 -12.63 2.73 -41.44
CA GLY A 163 -12.07 3.06 -40.15
C GLY A 163 -12.20 4.52 -39.75
N ALA A 164 -12.49 5.41 -40.70
CA ALA A 164 -12.65 6.82 -40.36
C ALA A 164 -13.87 7.04 -39.47
N LEU A 165 -14.98 6.35 -39.76
CA LEU A 165 -16.19 6.52 -38.98
C LEU A 165 -15.96 6.05 -37.55
N THR A 166 -16.38 6.87 -36.59
CA THR A 166 -16.22 6.54 -35.18
C THR A 166 -17.46 6.79 -34.34
N SER A 167 -18.38 7.63 -34.78
CA SER A 167 -19.57 7.96 -34.01
C SER A 167 -20.80 7.51 -34.79
N GLY A 168 -21.84 7.14 -34.06
CA GLY A 168 -23.06 6.65 -34.66
C GLY A 168 -23.02 5.21 -35.09
N VAL A 169 -21.93 4.49 -34.79
CA VAL A 169 -21.80 3.09 -35.14
C VAL A 169 -22.04 2.26 -33.90
N HIS A 170 -23.11 1.47 -33.92
CA HIS A 170 -23.41 0.51 -32.86
C HIS A 170 -23.04 -0.87 -33.37
N THR A 171 -22.19 -1.57 -32.63
CA THR A 171 -21.78 -2.93 -32.95
C THR A 171 -22.65 -3.88 -32.14
N PHE A 172 -23.54 -4.60 -32.82
CA PHE A 172 -24.41 -5.53 -32.14
C PHE A 172 -23.58 -6.71 -31.62
N PRO A 173 -24.00 -7.32 -30.50
CA PRO A 173 -23.27 -8.48 -29.99
C PRO A 173 -23.41 -9.67 -30.92
N ALA A 174 -22.43 -10.56 -30.86
CA ALA A 174 -22.42 -11.74 -31.71
C ALA A 174 -23.58 -12.66 -31.38
N VAL A 175 -24.03 -13.41 -32.38
CA VAL A 175 -25.17 -14.30 -32.25
C VAL A 175 -24.68 -15.73 -32.46
N LEU A 176 -25.04 -16.61 -31.53
CA LEU A 176 -24.70 -18.03 -31.62
C LEU A 176 -25.84 -18.73 -32.33
N GLN A 177 -25.67 -18.97 -33.62
CA GLN A 177 -26.73 -19.60 -34.40
C GLN A 177 -26.87 -21.07 -34.02
N SER A 178 -28.05 -21.61 -34.29
CA SER A 178 -28.31 -23.01 -33.98
C SER A 178 -27.49 -23.96 -34.84
N SER A 179 -27.23 -23.58 -36.10
CA SER A 179 -26.50 -24.45 -37.01
C SER A 179 -25.03 -24.61 -36.63
N GLY A 180 -24.52 -23.80 -35.71
CA GLY A 180 -23.13 -23.86 -35.30
C GLY A 180 -22.30 -22.67 -35.77
N LEU A 181 -22.81 -21.87 -36.68
CA LEU A 181 -22.12 -20.68 -37.16
C LEU A 181 -22.59 -19.46 -36.38
N TYR A 182 -21.98 -18.32 -36.67
CA TYR A 182 -22.28 -17.08 -35.98
C TYR A 182 -22.99 -16.08 -36.91
N SER A 183 -23.40 -14.97 -36.32
CA SER A 183 -24.02 -13.87 -37.04
C SER A 183 -23.77 -12.59 -36.27
N LEU A 184 -23.47 -11.52 -37.00
CA LEU A 184 -23.14 -10.23 -36.39
C LEU A 184 -23.73 -9.11 -37.23
N SER A 185 -23.95 -7.96 -36.59
CA SER A 185 -24.57 -6.82 -37.27
C SER A 185 -23.90 -5.54 -36.80
N SER A 186 -23.69 -4.62 -37.74
CA SER A 186 -23.15 -3.31 -37.43
C SER A 186 -24.09 -2.26 -38.02
N VAL A 187 -24.52 -1.32 -37.19
CA VAL A 187 -25.43 -0.28 -37.62
C VAL A 187 -24.72 1.06 -37.52
N VAL A 188 -25.04 1.97 -38.44
CA VAL A 188 -24.46 3.30 -38.47
C VAL A 188 -25.59 4.31 -38.66
N THR A 189 -25.55 5.38 -37.90
CA THR A 189 -26.56 6.43 -37.95
C THR A 189 -25.98 7.61 -38.72
N VAL A 190 -26.48 7.85 -39.92
CA VAL A 190 -25.98 8.91 -40.78
C VAL A 190 -27.12 9.88 -41.07
N PRO A 191 -26.82 11.14 -41.37
CA PRO A 191 -27.90 12.11 -41.61
C PRO A 191 -28.78 11.70 -42.77
N SER A 192 -30.08 11.97 -42.64
CA SER A 192 -31.02 11.62 -43.71
C SER A 192 -30.71 12.38 -44.99
N SER A 193 -30.35 13.66 -44.86
CA SER A 193 -29.92 14.42 -46.02
C SER A 193 -28.52 14.04 -46.48
N SER A 194 -27.70 13.50 -45.58
CA SER A 194 -26.34 13.10 -45.91
C SER A 194 -26.27 11.70 -46.50
N LEU A 195 -27.40 11.00 -46.61
CA LEU A 195 -27.38 9.65 -47.13
C LEU A 195 -26.91 9.60 -48.58
N GLY A 196 -27.31 10.59 -49.38
CA GLY A 196 -26.95 10.62 -50.78
C GLY A 196 -25.55 11.10 -51.08
N THR A 197 -24.79 11.51 -50.07
CA THR A 197 -23.42 11.96 -50.26
C THR A 197 -22.40 11.29 -49.35
N GLN A 198 -22.82 10.57 -48.32
CA GLN A 198 -21.88 9.96 -47.39
C GLN A 198 -21.13 8.82 -48.08
N THR A 199 -19.91 8.57 -47.60
CA THR A 199 -19.13 7.43 -48.02
C THR A 199 -19.47 6.26 -47.10
N TYR A 200 -20.31 5.36 -47.60
CA TYR A 200 -20.79 4.22 -46.82
C TYR A 200 -20.22 2.94 -47.44
N ILE A 201 -19.03 2.55 -46.97
CA ILE A 201 -18.39 1.31 -47.37
C ILE A 201 -17.89 0.63 -46.10
N CYS A 202 -18.21 -0.65 -45.95
CA CYS A 202 -17.84 -1.41 -44.76
C CYS A 202 -16.71 -2.37 -45.08
N ASN A 203 -15.89 -2.65 -44.07
CA ASN A 203 -14.81 -3.62 -44.16
C ASN A 203 -15.00 -4.65 -43.05
N VAL A 204 -14.95 -5.92 -43.42
CA VAL A 204 -15.09 -7.03 -42.46
C VAL A 204 -13.79 -7.82 -42.50
N ASN A 205 -13.13 -7.91 -41.35
CA ASN A 205 -11.92 -8.72 -41.19
C ASN A 205 -12.24 -9.88 -40.27
N HIS A 206 -12.17 -11.10 -40.80
CA HIS A 206 -12.38 -12.33 -40.03
C HIS A 206 -11.01 -12.97 -39.88
N LYS A 207 -10.40 -12.76 -38.71
CA LYS A 207 -9.07 -13.30 -38.46
C LYS A 207 -9.01 -14.82 -38.50
N PRO A 208 -9.97 -15.56 -37.93
CA PRO A 208 -9.82 -17.03 -37.87
C PRO A 208 -9.62 -17.68 -39.24
N SER A 209 -10.29 -17.17 -40.28
CA SER A 209 -10.07 -17.64 -41.64
C SER A 209 -9.21 -16.69 -42.46
N ASN A 210 -8.82 -15.55 -41.88
CA ASN A 210 -8.04 -14.55 -42.61
C ASN A 210 -8.77 -14.03 -43.85
N THR A 211 -10.06 -13.72 -43.69
CA THR A 211 -10.88 -13.21 -44.79
C THR A 211 -11.08 -11.71 -44.57
N LYS A 212 -10.47 -10.90 -45.42
CA LYS A 212 -10.58 -9.44 -45.34
C LYS A 212 -11.38 -8.98 -46.55
N VAL A 213 -12.65 -8.65 -46.32
CA VAL A 213 -13.59 -8.32 -47.40
C VAL A 213 -13.97 -6.86 -47.28
N ASP A 214 -14.05 -6.19 -48.42
CA ASP A 214 -14.50 -4.80 -48.51
C ASP A 214 -15.85 -4.81 -49.24
N LYS A 215 -16.92 -4.57 -48.50
CA LYS A 215 -18.26 -4.54 -49.06
C LYS A 215 -18.76 -3.10 -49.15
N LYS A 216 -19.64 -2.87 -50.11
CA LYS A 216 -20.22 -1.55 -50.35
C LYS A 216 -21.72 -1.62 -50.18
N VAL A 217 -22.26 -0.74 -49.35
CA VAL A 217 -23.71 -0.66 -49.10
C VAL A 217 -24.20 0.64 -49.72
N GLU A 218 -25.25 0.54 -50.52
CA GLU A 218 -25.78 1.72 -51.20
C GLU A 218 -27.26 1.88 -50.89
N PRO A 219 -27.79 3.10 -50.97
CA PRO A 219 -29.21 3.31 -50.70
C PRO A 219 -30.08 2.53 -51.68
N LYS A 220 -31.20 2.02 -51.18
CA LYS A 220 -32.10 1.22 -51.99
C LYS A 220 -33.48 1.89 -52.08
N ASP B 1 -4.09 -26.98 1.30
CA ASP B 1 -5.22 -26.69 0.43
C ASP B 1 -5.77 -25.29 0.70
N ILE B 2 -6.40 -24.70 -0.30
CA ILE B 2 -7.01 -23.39 -0.17
C ILE B 2 -8.10 -23.27 -1.21
N ALA B 3 -9.20 -22.61 -0.83
CA ALA B 3 -10.28 -22.36 -1.76
C ALA B 3 -11.00 -21.08 -1.36
N LEU B 4 -11.63 -20.44 -2.33
CA LEU B 4 -12.31 -19.16 -2.12
C LEU B 4 -13.79 -19.29 -2.45
N THR B 5 -14.59 -18.41 -1.84
CA THR B 5 -16.01 -18.32 -2.12
C THR B 5 -16.39 -16.84 -2.14
N GLN B 6 -17.21 -16.47 -3.13
CA GLN B 6 -17.67 -15.10 -3.26
C GLN B 6 -19.17 -15.10 -3.43
N PRO B 7 -19.85 -14.02 -3.03
CA PRO B 7 -21.30 -13.97 -3.14
C PRO B 7 -21.76 -14.02 -4.60
N ALA B 8 -23.00 -14.47 -4.79
CA ALA B 8 -23.53 -14.58 -6.14
C ALA B 8 -23.66 -13.22 -6.81
N SER B 9 -24.19 -12.23 -6.09
CA SER B 9 -24.41 -10.90 -6.64
C SER B 9 -24.79 -9.95 -5.51
N VAL B 10 -24.34 -8.70 -5.62
CA VAL B 10 -24.61 -7.67 -4.64
C VAL B 10 -25.20 -6.46 -5.35
N SER B 11 -26.09 -5.75 -4.67
CA SER B 11 -26.76 -4.59 -5.23
C SER B 11 -26.80 -3.47 -4.20
N GLY B 12 -26.55 -2.25 -4.65
CA GLY B 12 -26.57 -1.10 -3.77
C GLY B 12 -27.41 0.05 -4.29
N SER B 13 -26.82 1.23 -4.36
CA SER B 13 -27.51 2.43 -4.83
C SER B 13 -26.45 3.43 -5.28
N PRO B 14 -26.82 4.42 -6.08
CA PRO B 14 -25.82 5.35 -6.64
C PRO B 14 -25.28 6.38 -5.65
N GLY B 15 -25.50 6.20 -4.35
CA GLY B 15 -24.89 7.11 -3.39
C GLY B 15 -24.46 6.45 -2.09
N GLN B 16 -24.16 5.16 -2.12
CA GLN B 16 -23.98 4.40 -0.89
C GLN B 16 -22.83 3.42 -1.03
N SER B 17 -22.19 3.11 0.10
CA SER B 17 -21.11 2.15 0.16
C SER B 17 -21.67 0.74 0.36
N ILE B 18 -21.07 -0.23 -0.34
CA ILE B 18 -21.43 -1.63 -0.18
C ILE B 18 -20.14 -2.44 0.02
N THR B 19 -20.29 -3.60 0.64
CA THR B 19 -19.17 -4.47 0.93
C THR B 19 -19.39 -5.84 0.31
N ILE B 20 -18.32 -6.38 -0.27
CA ILE B 20 -18.32 -7.71 -0.85
C ILE B 20 -17.25 -8.53 -0.16
N SER B 21 -17.63 -9.73 0.28
CA SER B 21 -16.79 -10.55 1.14
C SER B 21 -16.29 -11.77 0.38
N CYS B 22 -14.98 -11.93 0.35
CA CYS B 22 -14.36 -13.16 -0.12
C CYS B 22 -14.04 -14.01 1.10
N THR B 23 -14.62 -15.20 1.15
CA THR B 23 -14.45 -16.11 2.28
C THR B 23 -13.48 -17.22 1.88
N GLY B 24 -12.40 -17.36 2.66
CA GLY B 24 -11.38 -18.34 2.37
C GLY B 24 -11.52 -19.55 3.27
N THR B 25 -11.32 -20.73 2.68
CA THR B 25 -11.37 -21.99 3.41
C THR B 25 -10.09 -22.76 3.18
N SER B 26 -9.58 -23.36 4.24
CA SER B 26 -8.36 -24.17 4.18
C SER B 26 -8.31 -25.06 5.39
N SER B 27 -7.44 -26.07 5.32
CA SER B 27 -7.22 -27.00 6.41
C SER B 27 -5.84 -26.75 7.01
N ASP B 28 -5.80 -26.46 8.30
CA ASP B 28 -4.55 -26.14 9.01
C ASP B 28 -3.80 -25.04 8.28
N ILE B 29 -4.46 -23.89 8.13
CA ILE B 29 -3.96 -22.82 7.26
C ILE B 29 -2.99 -22.00 8.11
N GLY B 30 -1.75 -22.47 8.16
CA GLY B 30 -0.64 -21.69 8.63
C GLY B 30 0.13 -21.03 7.52
N ALA B 31 -0.38 -21.05 6.29
CA ALA B 31 0.33 -20.57 5.13
C ALA B 31 0.18 -19.06 4.98
N TYR B 32 1.06 -18.49 4.17
CA TYR B 32 1.05 -17.06 3.89
C TYR B 32 0.22 -16.81 2.63
N THR B 33 -0.85 -16.05 2.78
CA THR B 33 -1.77 -15.75 1.68
C THR B 33 -1.71 -14.27 1.38
N TYR B 34 -1.53 -13.93 0.10
CA TYR B 34 -1.61 -12.55 -0.35
C TYR B 34 -2.90 -12.38 -1.15
N GLY B 35 -3.72 -11.43 -0.74
CA GLY B 35 -5.04 -11.25 -1.33
C GLY B 35 -5.09 -10.04 -2.25
N SER B 36 -5.75 -10.21 -3.39
CA SER B 36 -5.96 -9.11 -4.31
C SER B 36 -7.39 -9.14 -4.82
N TRP B 37 -7.88 -7.96 -5.18
CA TRP B 37 -9.21 -7.77 -5.73
C TRP B 37 -9.09 -7.15 -7.10
N TYR B 38 -9.77 -7.75 -8.08
CA TYR B 38 -9.69 -7.37 -9.48
C TYR B 38 -11.07 -7.00 -10.01
N GLN B 39 -11.10 -5.99 -10.87
CA GLN B 39 -12.33 -5.49 -11.48
C GLN B 39 -12.35 -5.87 -12.96
N GLN B 40 -13.51 -6.29 -13.43
CA GLN B 40 -13.69 -6.69 -14.82
C GLN B 40 -14.94 -6.03 -15.37
N HIS B 41 -14.76 -5.14 -16.32
CA HIS B 41 -15.85 -4.65 -17.12
C HIS B 41 -16.24 -5.68 -18.15
N PRO B 42 -17.48 -5.66 -18.64
CA PRO B 42 -17.93 -6.69 -19.57
C PRO B 42 -17.08 -6.70 -20.85
N GLY B 43 -16.45 -7.83 -21.11
CA GLY B 43 -15.63 -7.98 -22.31
C GLY B 43 -14.42 -7.09 -22.35
N LYS B 44 -13.73 -6.93 -21.22
CA LYS B 44 -12.53 -6.11 -21.15
C LYS B 44 -11.53 -6.75 -20.19
N ALA B 45 -10.29 -6.32 -20.31
CA ALA B 45 -9.23 -6.87 -19.48
C ALA B 45 -9.47 -6.53 -18.01
N PRO B 46 -9.27 -7.48 -17.11
CA PRO B 46 -9.38 -7.17 -15.68
C PRO B 46 -8.35 -6.15 -15.23
N LYS B 47 -8.71 -5.38 -14.21
CA LYS B 47 -7.87 -4.31 -13.68
C LYS B 47 -7.72 -4.49 -12.18
N LEU B 48 -6.52 -4.24 -11.68
CA LEU B 48 -6.21 -4.48 -10.27
C LEU B 48 -6.84 -3.40 -9.40
N MET B 49 -7.74 -3.82 -8.50
CA MET B 49 -8.44 -2.92 -7.60
C MET B 49 -7.70 -2.74 -6.29
N ILE B 50 -7.39 -3.84 -5.61
CA ILE B 50 -6.80 -3.78 -4.28
C ILE B 50 -5.76 -4.88 -4.17
N TYR B 51 -4.64 -4.59 -3.53
CA TYR B 51 -3.68 -5.64 -3.20
C TYR B 51 -3.36 -5.56 -1.71
N GLY B 52 -2.86 -6.65 -1.16
CA GLY B 52 -2.75 -6.74 0.28
C GLY B 52 -4.13 -6.80 0.90
N VAL B 53 -4.35 -5.92 1.88
CA VAL B 53 -5.69 -5.78 2.42
C VAL B 53 -6.24 -4.39 2.13
N ASN B 54 -5.39 -3.36 2.19
CA ASN B 54 -5.86 -2.00 1.94
C ASN B 54 -4.86 -1.17 1.15
N ASN B 55 -4.28 -1.73 0.08
CA ASN B 55 -3.35 -1.00 -0.77
C ASN B 55 -4.05 -0.63 -2.06
N ARG B 56 -4.05 0.66 -2.40
CA ARG B 56 -4.66 0.99 -3.67
C ARG B 56 -3.59 1.28 -4.71
N PRO B 57 -3.76 0.81 -5.94
CA PRO B 57 -2.81 1.14 -7.00
C PRO B 57 -2.94 2.58 -7.41
N SER B 58 -1.86 3.11 -7.99
CA SER B 58 -1.89 4.46 -8.51
C SER B 58 -2.85 4.53 -9.70
N GLY B 59 -3.47 5.69 -9.87
CA GLY B 59 -4.45 5.86 -10.94
C GLY B 59 -5.78 5.21 -10.68
N VAL B 60 -6.00 4.69 -9.47
CA VAL B 60 -7.26 4.05 -9.11
C VAL B 60 -7.94 4.89 -8.05
N SER B 61 -9.25 5.07 -8.17
CA SER B 61 -9.98 6.01 -7.34
C SER B 61 -9.91 5.61 -5.88
N ASN B 62 -9.84 6.62 -5.00
CA ASN B 62 -9.73 6.40 -3.57
C ASN B 62 -11.04 6.01 -2.92
N ARG B 63 -12.06 5.66 -3.70
CA ARG B 63 -13.32 5.20 -3.16
C ARG B 63 -13.32 3.73 -2.80
N PHE B 64 -12.32 2.97 -3.24
CA PHE B 64 -12.24 1.54 -2.99
C PHE B 64 -11.34 1.29 -1.79
N SER B 65 -11.89 0.65 -0.76
CA SER B 65 -11.12 0.32 0.42
C SER B 65 -11.25 -1.17 0.68
N GLY B 66 -10.29 -1.72 1.42
CA GLY B 66 -10.30 -3.13 1.71
C GLY B 66 -10.03 -3.37 3.18
N SER B 67 -10.49 -4.54 3.64
CA SER B 67 -10.28 -4.91 5.03
C SER B 67 -10.12 -6.43 5.11
N LYS B 68 -9.44 -6.86 6.17
CA LYS B 68 -9.28 -8.28 6.46
C LYS B 68 -9.78 -8.52 7.88
N SER B 69 -10.77 -9.40 8.02
CA SER B 69 -11.30 -9.77 9.33
C SER B 69 -11.12 -11.27 9.48
N GLY B 70 -10.22 -11.68 10.37
CA GLY B 70 -9.93 -13.08 10.54
C GLY B 70 -9.47 -13.69 9.24
N ASN B 71 -10.33 -14.47 8.62
CA ASN B 71 -10.04 -15.08 7.32
C ASN B 71 -10.73 -14.32 6.19
N THR B 72 -11.92 -13.80 6.41
CA THR B 72 -12.71 -13.20 5.33
C THR B 72 -12.18 -11.81 4.99
N ALA B 73 -12.02 -11.55 3.70
CA ALA B 73 -11.60 -10.24 3.23
C ALA B 73 -12.79 -9.51 2.63
N SER B 74 -12.70 -8.18 2.58
CA SER B 74 -13.84 -7.38 2.18
C SER B 74 -13.40 -6.20 1.33
N LEU B 75 -14.12 -5.97 0.24
CA LEU B 75 -14.02 -4.76 -0.56
C LEU B 75 -15.20 -3.85 -0.25
N THR B 76 -14.91 -2.61 0.12
CA THR B 76 -15.92 -1.60 0.38
C THR B 76 -15.82 -0.53 -0.69
N ILE B 77 -16.94 -0.27 -1.37
CA ILE B 77 -17.03 0.78 -2.36
C ILE B 77 -17.97 1.85 -1.82
N SER B 78 -17.44 3.05 -1.64
CA SER B 78 -18.22 4.19 -1.21
C SER B 78 -18.33 5.18 -2.36
N GLY B 79 -19.38 5.99 -2.33
CA GLY B 79 -19.65 6.88 -3.44
C GLY B 79 -19.90 6.07 -4.70
N LEU B 80 -20.72 5.04 -4.57
CA LEU B 80 -21.02 4.15 -5.69
C LEU B 80 -21.59 4.94 -6.85
N GLN B 81 -21.05 4.71 -8.04
CA GLN B 81 -21.51 5.35 -9.25
C GLN B 81 -21.95 4.28 -10.25
N ALA B 82 -22.55 4.75 -11.35
CA ALA B 82 -22.90 3.84 -12.44
C ALA B 82 -21.68 3.36 -13.20
N GLU B 83 -20.53 4.02 -13.02
CA GLU B 83 -19.29 3.58 -13.66
C GLU B 83 -18.69 2.35 -12.98
N ASP B 84 -19.22 1.94 -11.84
CA ASP B 84 -18.72 0.78 -11.12
C ASP B 84 -19.48 -0.49 -11.48
N GLU B 85 -20.28 -0.46 -12.55
CA GLU B 85 -20.91 -1.67 -13.08
C GLU B 85 -19.84 -2.63 -13.58
N ALA B 86 -19.61 -3.72 -12.86
CA ALA B 86 -18.56 -4.65 -13.24
C ALA B 86 -18.75 -5.93 -12.44
N ASP B 87 -17.80 -6.86 -12.63
CA ASP B 87 -17.66 -8.04 -11.81
C ASP B 87 -16.36 -7.94 -11.02
N TYR B 88 -16.38 -8.40 -9.79
CA TYR B 88 -15.23 -8.29 -8.90
C TYR B 88 -14.79 -9.68 -8.46
N TYR B 89 -13.48 -9.92 -8.53
CA TYR B 89 -12.89 -11.22 -8.24
C TYR B 89 -11.85 -11.08 -7.14
N CYS B 90 -11.75 -12.11 -6.30
CA CYS B 90 -10.72 -12.17 -5.27
C CYS B 90 -9.73 -13.26 -5.62
N ALA B 91 -8.45 -12.95 -5.49
CA ALA B 91 -7.36 -13.86 -5.81
C ALA B 91 -6.48 -14.03 -4.58
N SER B 92 -6.22 -15.28 -4.22
CA SER B 92 -5.33 -15.59 -3.11
C SER B 92 -4.09 -16.26 -3.66
N PHE B 93 -2.92 -15.71 -3.31
CA PHE B 93 -1.65 -16.28 -3.71
C PHE B 93 -1.02 -16.97 -2.52
N ASP B 94 -0.71 -18.25 -2.69
CA ASP B 94 -0.08 -19.09 -1.68
C ASP B 94 1.39 -19.26 -2.04
N PHE B 95 2.28 -18.77 -1.18
CA PHE B 95 3.69 -18.74 -1.50
C PHE B 95 4.30 -20.14 -1.49
N SER B 96 3.90 -20.98 -0.54
CA SER B 96 4.44 -22.32 -0.45
C SER B 96 4.13 -23.13 -1.70
N VAL B 97 2.85 -23.38 -1.95
CA VAL B 97 2.45 -24.05 -3.18
C VAL B 97 2.61 -23.12 -4.37
N SER B 98 2.82 -21.82 -4.11
CA SER B 98 3.09 -20.82 -5.14
C SER B 98 2.01 -20.83 -6.21
N GLY B 99 0.76 -20.76 -5.77
CA GLY B 99 -0.36 -20.80 -6.68
C GLY B 99 -1.39 -19.77 -6.30
N VAL B 100 -2.03 -19.19 -7.31
CA VAL B 100 -3.06 -18.18 -7.10
C VAL B 100 -4.40 -18.76 -7.52
N VAL B 101 -5.38 -18.67 -6.63
CA VAL B 101 -6.71 -19.20 -6.87
C VAL B 101 -7.70 -18.05 -6.87
N PHE B 102 -8.59 -18.04 -7.85
CA PHE B 102 -9.62 -17.01 -7.99
C PHE B 102 -10.95 -17.51 -7.46
N GLY B 103 -11.89 -16.58 -7.33
CA GLY B 103 -13.22 -16.88 -6.86
C GLY B 103 -14.26 -16.80 -7.96
N GLY B 104 -15.52 -16.98 -7.55
CA GLY B 104 -16.62 -16.96 -8.48
C GLY B 104 -16.99 -15.58 -8.98
N GLY B 105 -16.63 -14.55 -8.24
CA GLY B 105 -16.91 -13.19 -8.70
C GLY B 105 -18.27 -12.71 -8.27
N THR B 106 -18.39 -11.39 -8.13
CA THR B 106 -19.64 -10.75 -7.76
C THR B 106 -20.03 -9.74 -8.82
N LYS B 107 -21.31 -9.72 -9.18
CA LYS B 107 -21.84 -8.74 -10.11
C LYS B 107 -22.31 -7.52 -9.31
N LEU B 108 -21.59 -6.41 -9.43
CA LEU B 108 -21.94 -5.20 -8.70
C LEU B 108 -22.97 -4.44 -9.54
N THR B 109 -24.25 -4.65 -9.23
CA THR B 109 -25.34 -4.01 -9.95
C THR B 109 -25.86 -2.84 -9.15
N VAL B 110 -25.95 -1.68 -9.79
CA VAL B 110 -26.54 -0.50 -9.18
C VAL B 110 -28.00 -0.44 -9.59
N LEU B 111 -28.81 0.22 -8.78
CA LEU B 111 -30.22 0.39 -9.08
C LEU B 111 -30.55 1.77 -9.63
N GLY B 112 -29.65 2.74 -9.49
CA GLY B 112 -29.94 4.09 -9.91
C GLY B 112 -29.90 4.27 -11.42
N GLN B 113 -30.83 3.65 -12.12
CA GLN B 113 -30.97 3.81 -13.55
C GLN B 113 -32.45 3.97 -13.87
N PRO B 114 -32.78 4.68 -14.93
CA PRO B 114 -34.18 4.84 -15.32
C PRO B 114 -34.63 3.77 -16.29
N LYS B 115 -35.95 3.53 -16.30
CA LYS B 115 -36.54 2.61 -17.26
C LYS B 115 -36.71 3.34 -18.59
N ALA B 116 -35.96 2.91 -19.61
CA ALA B 116 -36.00 3.53 -20.92
C ALA B 116 -36.57 2.53 -21.92
N ALA B 117 -37.50 2.98 -22.74
CA ALA B 117 -38.09 2.10 -23.74
C ALA B 117 -37.04 1.75 -24.80
N PRO B 118 -37.04 0.53 -25.30
CA PRO B 118 -36.06 0.17 -26.33
C PRO B 118 -36.36 0.86 -27.65
N SER B 119 -35.31 1.05 -28.43
CA SER B 119 -35.41 1.50 -29.81
C SER B 119 -35.26 0.26 -30.69
N VAL B 120 -36.24 0.03 -31.55
CA VAL B 120 -36.30 -1.17 -32.37
C VAL B 120 -36.06 -0.78 -33.83
N THR B 121 -35.11 -1.45 -34.47
CA THR B 121 -34.83 -1.27 -35.88
C THR B 121 -35.10 -2.58 -36.61
N LEU B 122 -35.94 -2.52 -37.64
CA LEU B 122 -36.25 -3.67 -38.47
C LEU B 122 -35.66 -3.46 -39.86
N PHE B 123 -35.00 -4.49 -40.37
CA PHE B 123 -34.32 -4.39 -41.65
C PHE B 123 -34.92 -5.39 -42.63
N PRO B 124 -35.31 -4.95 -43.82
CA PRO B 124 -35.83 -5.90 -44.82
C PRO B 124 -34.72 -6.80 -45.31
N PRO B 125 -35.07 -7.96 -45.88
CA PRO B 125 -34.03 -8.86 -46.38
C PRO B 125 -33.16 -8.18 -47.42
N SER B 126 -31.86 -8.44 -47.34
CA SER B 126 -30.90 -7.76 -48.20
C SER B 126 -31.07 -8.21 -49.65
N SER B 127 -30.73 -7.32 -50.58
CA SER B 127 -30.78 -7.67 -51.99
C SER B 127 -29.80 -8.79 -52.31
N GLU B 128 -28.58 -8.71 -51.78
CA GLU B 128 -27.63 -9.80 -51.94
C GLU B 128 -28.15 -11.07 -51.27
N GLU B 129 -28.70 -10.93 -50.07
CA GLU B 129 -29.31 -12.08 -49.40
C GLU B 129 -30.53 -12.58 -50.18
N LEU B 130 -31.32 -11.64 -50.74
CA LEU B 130 -32.46 -12.05 -51.53
C LEU B 130 -32.04 -12.88 -52.74
N GLN B 131 -30.94 -12.49 -53.38
CA GLN B 131 -30.37 -13.34 -54.42
C GLN B 131 -29.88 -14.67 -53.84
N ALA B 132 -29.38 -14.64 -52.60
CA ALA B 132 -28.86 -15.84 -51.96
C ALA B 132 -29.95 -16.88 -51.68
N ASN B 133 -31.22 -16.52 -51.79
CA ASN B 133 -32.38 -17.39 -51.61
C ASN B 133 -32.76 -17.62 -50.15
N LYS B 134 -32.02 -17.08 -49.19
CA LYS B 134 -32.38 -17.17 -47.78
C LYS B 134 -32.50 -15.74 -47.25
N ALA B 135 -33.64 -15.41 -46.66
CA ALA B 135 -33.90 -14.08 -46.15
C ALA B 135 -33.61 -14.06 -44.65
N THR B 136 -32.81 -13.09 -44.22
CA THR B 136 -32.51 -12.89 -42.82
C THR B 136 -33.08 -11.54 -42.42
N LEU B 137 -34.20 -11.55 -41.69
CA LEU B 137 -34.80 -10.34 -41.15
C LEU B 137 -34.09 -9.98 -39.87
N VAL B 138 -33.56 -8.76 -39.81
CA VAL B 138 -32.77 -8.29 -38.67
C VAL B 138 -33.64 -7.38 -37.82
N CYS B 139 -33.66 -7.61 -36.52
CA CYS B 139 -34.29 -6.72 -35.56
C CYS B 139 -33.23 -6.40 -34.50
N LEU B 140 -33.00 -5.10 -34.28
CA LEU B 140 -32.03 -4.66 -33.30
C LEU B 140 -32.77 -3.87 -32.22
N ILE B 141 -32.52 -4.21 -30.96
CA ILE B 141 -33.07 -3.49 -29.82
C ILE B 141 -31.91 -2.79 -29.13
N SER B 142 -32.01 -1.47 -28.98
CA SER B 142 -30.95 -0.68 -28.39
C SER B 142 -31.50 0.21 -27.28
N ASP B 143 -30.65 0.53 -26.30
CA ASP B 143 -30.94 1.48 -25.24
C ASP B 143 -32.16 1.06 -24.41
N PHE B 144 -31.99 -0.04 -23.71
CA PHE B 144 -33.02 -0.56 -22.82
C PHE B 144 -32.44 -0.78 -21.43
N TYR B 145 -33.30 -0.64 -20.42
CA TYR B 145 -32.94 -0.95 -19.04
C TYR B 145 -34.21 -1.03 -18.20
N PRO B 146 -34.40 -2.10 -17.41
CA PRO B 146 -33.55 -3.28 -17.20
C PRO B 146 -33.58 -4.23 -18.37
N GLY B 147 -32.52 -5.00 -18.57
CA GLY B 147 -32.34 -5.78 -19.77
C GLY B 147 -33.02 -7.14 -19.79
N ALA B 148 -34.34 -7.16 -19.98
CA ALA B 148 -35.04 -8.42 -20.23
C ALA B 148 -36.23 -8.09 -21.13
N VAL B 149 -36.02 -8.18 -22.44
CA VAL B 149 -37.01 -7.80 -23.44
C VAL B 149 -37.19 -8.97 -24.40
N THR B 150 -38.39 -9.53 -24.43
CA THR B 150 -38.70 -10.66 -25.30
C THR B 150 -39.10 -10.13 -26.67
N VAL B 151 -38.86 -10.96 -27.69
CA VAL B 151 -39.14 -10.60 -29.07
C VAL B 151 -40.12 -11.62 -29.64
N ALA B 152 -41.18 -11.13 -30.28
CA ALA B 152 -42.12 -11.98 -31.00
C ALA B 152 -42.10 -11.55 -32.46
N TRP B 153 -41.95 -12.51 -33.35
CA TRP B 153 -42.00 -12.26 -34.79
C TRP B 153 -43.41 -12.61 -35.25
N LYS B 154 -44.04 -11.71 -35.98
CA LYS B 154 -45.38 -11.93 -36.50
C LYS B 154 -45.32 -11.93 -38.02
N ALA B 155 -45.88 -12.97 -38.63
CA ALA B 155 -45.99 -13.08 -40.07
C ALA B 155 -47.48 -13.22 -40.41
N ASP B 156 -47.95 -12.40 -41.34
CA ASP B 156 -49.35 -12.42 -41.76
C ASP B 156 -50.30 -12.20 -40.60
N SER B 157 -49.85 -11.39 -39.63
CA SER B 157 -50.63 -11.08 -38.43
C SER B 157 -50.80 -12.28 -37.49
N SER B 158 -49.96 -13.31 -37.63
CA SER B 158 -50.01 -14.45 -36.74
C SER B 158 -48.62 -14.73 -36.21
N PRO B 159 -48.51 -15.27 -35.00
CA PRO B 159 -47.18 -15.52 -34.43
C PRO B 159 -46.40 -16.52 -35.25
N VAL B 160 -45.08 -16.33 -35.30
CA VAL B 160 -44.16 -17.23 -35.99
C VAL B 160 -43.00 -17.52 -35.05
N LYS B 161 -42.59 -18.77 -34.96
CA LYS B 161 -41.52 -19.19 -34.07
C LYS B 161 -40.37 -19.88 -34.76
N ALA B 162 -40.54 -20.34 -35.99
CA ALA B 162 -39.49 -21.07 -36.69
C ALA B 162 -38.40 -20.10 -37.15
N GLY B 163 -37.15 -20.44 -36.85
CA GLY B 163 -36.02 -19.67 -37.33
C GLY B 163 -35.74 -18.37 -36.62
N VAL B 164 -36.25 -18.19 -35.41
CA VAL B 164 -36.03 -16.96 -34.64
C VAL B 164 -34.91 -17.22 -33.64
N GLU B 165 -33.89 -16.36 -33.66
CA GLU B 165 -32.77 -16.46 -32.73
C GLU B 165 -32.61 -15.13 -32.01
N THR B 166 -32.50 -15.18 -30.68
CA THR B 166 -32.37 -13.99 -29.85
C THR B 166 -31.07 -14.07 -29.07
N THR B 167 -30.28 -13.01 -29.13
CA THR B 167 -29.04 -12.92 -28.35
C THR B 167 -29.34 -12.35 -26.98
N THR B 168 -28.59 -12.82 -25.99
CA THR B 168 -28.79 -12.36 -24.62
C THR B 168 -28.42 -10.89 -24.50
N PRO B 169 -29.00 -10.18 -23.53
CA PRO B 169 -28.66 -8.76 -23.36
C PRO B 169 -27.18 -8.57 -23.05
N SER B 170 -26.60 -7.55 -23.66
CA SER B 170 -25.21 -7.20 -23.46
C SER B 170 -25.11 -5.75 -23.02
N LYS B 171 -24.23 -5.48 -22.07
CA LYS B 171 -24.09 -4.13 -21.53
C LYS B 171 -23.33 -3.27 -22.53
N GLN B 172 -24.01 -2.31 -23.13
CA GLN B 172 -23.35 -1.36 -24.01
C GLN B 172 -22.47 -0.42 -23.18
N SER B 173 -21.49 0.18 -23.86
CA SER B 173 -20.56 1.07 -23.18
C SER B 173 -21.25 2.30 -22.62
N ASN B 174 -22.37 2.72 -23.20
CA ASN B 174 -23.06 3.94 -22.79
C ASN B 174 -24.02 3.72 -21.62
N ASN B 175 -23.83 2.65 -20.85
CA ASN B 175 -24.70 2.33 -19.71
C ASN B 175 -26.11 1.98 -20.18
N LYS B 176 -26.21 1.11 -21.18
CA LYS B 176 -27.48 0.61 -21.68
C LYS B 176 -27.31 -0.83 -22.11
N TYR B 177 -28.43 -1.52 -22.29
CA TYR B 177 -28.44 -2.90 -22.75
C TYR B 177 -29.01 -2.98 -24.16
N ALA B 178 -28.46 -3.89 -24.96
CA ALA B 178 -28.88 -4.04 -26.34
C ALA B 178 -28.89 -5.52 -26.71
N ALA B 179 -29.67 -5.85 -27.73
CA ALA B 179 -29.83 -7.24 -28.13
C ALA B 179 -30.20 -7.31 -29.61
N SER B 180 -30.02 -8.50 -30.18
CA SER B 180 -30.29 -8.74 -31.59
C SER B 180 -31.21 -9.94 -31.73
N SER B 181 -32.10 -9.86 -32.73
CA SER B 181 -33.00 -10.93 -33.09
C SER B 181 -32.88 -11.14 -34.60
N TYR B 182 -32.76 -12.39 -35.01
CA TYR B 182 -32.63 -12.75 -36.41
C TYR B 182 -33.72 -13.75 -36.77
N LEU B 183 -34.48 -13.44 -37.82
CA LEU B 183 -35.52 -14.33 -38.32
C LEU B 183 -35.04 -14.90 -39.65
N SER B 184 -34.94 -16.22 -39.73
CA SER B 184 -34.51 -16.91 -40.94
C SER B 184 -35.76 -17.37 -41.69
N LEU B 185 -35.86 -17.00 -42.96
CA LEU B 185 -37.00 -17.36 -43.78
C LEU B 185 -36.52 -17.85 -45.14
N THR B 186 -37.32 -18.73 -45.74
CA THR B 186 -37.04 -19.15 -47.10
C THR B 186 -37.28 -17.98 -48.06
N PRO B 187 -36.52 -17.91 -49.15
CA PRO B 187 -36.74 -16.80 -50.10
C PRO B 187 -38.16 -16.74 -50.63
N GLU B 188 -38.78 -17.89 -50.85
CA GLU B 188 -40.19 -17.90 -51.23
C GLU B 188 -41.07 -17.48 -50.07
N GLN B 189 -40.69 -17.85 -48.84
CA GLN B 189 -41.47 -17.44 -47.67
C GLN B 189 -41.48 -15.93 -47.52
N TRP B 190 -40.34 -15.28 -47.78
CA TRP B 190 -40.26 -13.82 -47.64
C TRP B 190 -41.24 -13.12 -48.56
N LYS B 191 -41.38 -13.61 -49.78
CA LYS B 191 -42.45 -13.16 -50.67
C LYS B 191 -43.68 -14.05 -50.54
N SER B 192 -44.10 -14.30 -49.30
CA SER B 192 -45.30 -15.09 -49.02
C SER B 192 -46.36 -14.30 -48.26
N HIS B 193 -46.00 -13.73 -47.12
CA HIS B 193 -46.92 -12.93 -46.34
C HIS B 193 -46.91 -11.49 -46.82
N ARG B 194 -47.96 -10.75 -46.46
CA ARG B 194 -48.03 -9.34 -46.84
C ARG B 194 -47.00 -8.52 -46.08
N SER B 195 -46.93 -8.69 -44.76
CA SER B 195 -46.01 -7.91 -43.94
C SER B 195 -45.74 -8.63 -42.63
N TYR B 196 -44.47 -8.63 -42.22
CA TYR B 196 -44.03 -9.21 -40.96
C TYR B 196 -43.58 -8.11 -40.03
N SER B 197 -43.85 -8.28 -38.74
CA SER B 197 -43.55 -7.28 -37.74
C SER B 197 -42.78 -7.90 -36.59
N CYS B 198 -42.07 -7.05 -35.86
CA CYS B 198 -41.40 -7.43 -34.63
C CYS B 198 -42.11 -6.72 -33.48
N GLN B 199 -42.56 -7.50 -32.49
CA GLN B 199 -43.19 -6.98 -31.29
C GLN B 199 -42.25 -7.23 -30.12
N VAL B 200 -41.78 -6.16 -29.50
CA VAL B 200 -40.78 -6.22 -28.43
C VAL B 200 -41.47 -5.88 -27.12
N THR B 201 -41.23 -6.71 -26.10
CA THR B 201 -41.71 -6.45 -24.74
C THR B 201 -40.47 -6.21 -23.86
N HIS B 202 -40.22 -4.94 -23.55
CA HIS B 202 -39.05 -4.58 -22.74
C HIS B 202 -39.38 -4.62 -21.26
N GLU B 203 -40.34 -3.80 -20.83
CA GLU B 203 -40.89 -3.90 -19.47
C GLU B 203 -42.34 -3.43 -19.57
N GLY B 204 -43.25 -4.39 -19.77
CA GLY B 204 -44.65 -4.07 -19.91
C GLY B 204 -45.03 -3.58 -21.30
N SER B 205 -44.24 -2.64 -21.84
CA SER B 205 -44.58 -2.03 -23.11
C SER B 205 -44.40 -3.01 -24.26
N THR B 206 -44.99 -2.69 -25.40
CA THR B 206 -44.90 -3.50 -26.61
C THR B 206 -44.66 -2.56 -27.79
N VAL B 207 -43.47 -2.65 -28.39
CA VAL B 207 -43.09 -1.79 -29.51
C VAL B 207 -43.14 -2.63 -30.77
N GLU B 208 -43.84 -2.14 -31.79
CA GLU B 208 -44.10 -2.88 -33.01
C GLU B 208 -43.41 -2.18 -34.18
N LYS B 209 -42.50 -2.88 -34.84
CA LYS B 209 -41.83 -2.37 -36.03
C LYS B 209 -42.20 -3.27 -37.20
N THR B 210 -42.78 -2.69 -38.25
CA THR B 210 -43.34 -3.45 -39.35
C THR B 210 -42.49 -3.32 -40.59
N VAL B 211 -42.39 -4.40 -41.35
CA VAL B 211 -41.71 -4.39 -42.65
C VAL B 211 -42.46 -5.38 -43.53
N ALA B 212 -42.81 -4.97 -44.74
CA ALA B 212 -43.66 -5.82 -45.57
C ALA B 212 -42.86 -6.48 -46.68
N PRO B 213 -43.41 -7.49 -47.34
CA PRO B 213 -42.75 -8.09 -48.50
C PRO B 213 -42.78 -7.22 -49.74
N THR B 214 -43.22 -5.97 -49.62
CA THR B 214 -43.27 -5.02 -50.73
C THR B 214 -42.09 -4.06 -50.71
N GLU B 215 -40.91 -4.54 -50.33
CA GLU B 215 -39.74 -3.69 -50.29
C GLU B 215 -39.43 -3.12 -51.67
N CYS B 216 -39.54 -3.95 -52.71
CA CYS B 216 -39.33 -3.49 -54.08
C CYS B 216 -37.89 -3.05 -54.32
N GLU C 1 11.68 -18.25 22.56
CA GLU C 1 11.74 -18.92 21.27
C GLU C 1 12.72 -18.21 20.33
N VAL C 2 12.17 -17.45 19.39
CA VAL C 2 13.01 -16.71 18.44
C VAL C 2 13.72 -15.61 19.21
N GLN C 3 15.04 -15.77 19.39
CA GLN C 3 15.80 -14.89 20.27
C GLN C 3 17.06 -14.41 19.56
N LEU C 4 17.32 -13.11 19.66
CA LEU C 4 18.58 -12.51 19.22
C LEU C 4 19.17 -11.70 20.36
N VAL C 5 20.41 -12.01 20.71
CA VAL C 5 21.14 -11.28 21.74
C VAL C 5 22.42 -10.74 21.11
N GLU C 6 22.64 -9.44 21.23
CA GLU C 6 23.89 -8.86 20.76
C GLU C 6 24.88 -8.72 21.90
N SER C 7 26.15 -8.90 21.57
CA SER C 7 27.24 -8.84 22.52
C SER C 7 28.38 -8.04 21.91
N GLY C 8 29.23 -7.53 22.79
CA GLY C 8 30.18 -6.52 22.44
C GLY C 8 29.74 -5.16 22.93
N GLY C 9 30.33 -4.13 22.32
CA GLY C 9 29.97 -2.77 22.68
C GLY C 9 30.66 -2.30 23.93
N GLY C 10 30.41 -1.03 24.26
CA GLY C 10 31.11 -0.38 25.33
C GLY C 10 31.72 0.92 24.87
N LEU C 11 32.84 1.33 25.47
CA LEU C 11 33.49 2.58 25.12
C LEU C 11 34.68 2.30 24.22
N VAL C 12 34.81 3.09 23.16
CA VAL C 12 35.91 3.01 22.22
C VAL C 12 36.35 4.43 21.86
N ARG C 13 37.48 4.53 21.20
CA ARG C 13 38.00 5.85 20.87
C ARG C 13 37.84 6.12 19.39
N PRO C 14 37.68 7.39 19.00
CA PRO C 14 37.48 7.69 17.58
C PRO C 14 38.68 7.29 16.74
N GLY C 15 38.40 6.72 15.57
CA GLY C 15 39.42 6.27 14.66
C GLY C 15 39.87 4.84 14.84
N ARG C 16 39.44 4.17 15.91
CA ARG C 16 39.82 2.80 16.16
C ARG C 16 38.80 1.85 15.54
N SER C 17 38.89 0.57 15.88
CA SER C 17 38.01 -0.45 15.33
C SER C 17 37.26 -1.14 16.47
N LEU C 18 36.09 -1.68 16.12
CA LEU C 18 35.30 -2.43 17.08
C LEU C 18 34.46 -3.44 16.29
N ARG C 19 33.98 -4.47 17.00
CA ARG C 19 33.39 -5.63 16.36
C ARG C 19 32.24 -6.14 17.23
N LEU C 20 31.02 -6.04 16.71
CA LEU C 20 29.82 -6.47 17.40
C LEU C 20 29.43 -7.87 16.95
N SER C 21 28.99 -8.70 17.90
CA SER C 21 28.54 -10.05 17.60
C SER C 21 27.06 -10.17 17.91
N CYS C 22 26.36 -10.99 17.13
CA CYS C 22 24.94 -11.23 17.29
C CYS C 22 24.72 -12.72 17.33
N THR C 23 24.05 -13.21 18.36
CA THR C 23 23.77 -14.63 18.54
C THR C 23 22.27 -14.86 18.41
N VAL C 24 21.90 -15.90 17.66
CA VAL C 24 20.51 -16.20 17.39
C VAL C 24 20.18 -17.59 17.90
N SER C 25 18.91 -17.80 18.22
CA SER C 25 18.44 -19.11 18.66
C SER C 25 16.96 -19.24 18.31
N GLY C 26 16.59 -20.36 17.71
CA GLY C 26 15.20 -20.62 17.42
C GLY C 26 14.89 -20.78 15.94
N PHE C 27 15.49 -19.96 15.10
CA PHE C 27 15.27 -20.04 13.66
C PHE C 27 16.59 -20.31 12.96
N SER C 28 16.52 -20.99 11.82
CA SER C 28 17.71 -21.34 11.07
C SER C 28 18.40 -20.11 10.50
N PHE C 29 19.70 -20.04 10.74
CA PHE C 29 20.56 -18.98 10.29
C PHE C 29 20.76 -18.90 8.78
N ASP C 30 20.88 -20.07 8.15
CA ASP C 30 21.19 -20.14 6.72
C ASP C 30 20.20 -19.50 5.77
N ASP C 31 18.91 -19.68 6.01
CA ASP C 31 17.94 -19.07 5.10
C ASP C 31 17.25 -17.83 5.64
N SER C 32 17.74 -17.30 6.76
CA SER C 32 17.10 -16.12 7.32
C SER C 32 18.02 -14.92 7.12
N ALA C 33 17.49 -13.87 6.50
CA ALA C 33 18.27 -12.67 6.24
C ALA C 33 18.32 -11.78 7.49
N MET C 34 19.42 -11.06 7.65
CA MET C 34 19.65 -10.28 8.86
C MET C 34 19.99 -8.84 8.51
N SER C 35 19.81 -7.97 9.49
CA SER C 35 20.02 -6.54 9.31
C SER C 35 20.50 -5.92 10.62
N TRP C 36 21.18 -4.79 10.48
CA TRP C 36 21.71 -4.04 11.62
C TRP C 36 21.18 -2.62 11.56
N VAL C 37 20.62 -2.17 12.67
CA VAL C 37 19.92 -0.89 12.77
C VAL C 37 20.52 -0.10 13.93
N ARG C 38 20.62 1.21 13.76
CA ARG C 38 21.26 2.04 14.77
C ARG C 38 20.44 3.20 15.28
N GLN C 39 20.42 3.38 16.59
CA GLN C 39 19.69 4.49 17.16
C GLN C 39 20.64 5.42 17.86
N ALA C 40 20.65 6.67 17.42
CA ALA C 40 21.47 7.69 18.03
C ALA C 40 20.76 8.06 19.32
N PRO C 41 21.51 8.47 20.33
CA PRO C 41 20.76 8.74 21.56
C PRO C 41 19.85 9.96 21.47
N GLY C 42 18.55 9.70 21.38
CA GLY C 42 17.56 10.74 21.25
C GLY C 42 17.08 11.01 19.85
N LYS C 43 17.83 10.57 18.84
CA LYS C 43 17.46 10.76 17.45
C LYS C 43 16.65 9.56 16.96
N GLY C 44 16.29 9.60 15.68
CA GLY C 44 15.46 8.57 15.10
C GLY C 44 16.24 7.29 14.84
N LEU C 45 15.52 6.32 14.29
CA LEU C 45 16.14 5.04 13.95
C LEU C 45 16.81 5.14 12.60
N GLU C 46 18.00 4.54 12.50
CA GLU C 46 18.77 4.56 11.26
C GLU C 46 19.18 3.14 10.90
N TRP C 47 19.08 2.82 9.61
CA TRP C 47 19.39 1.49 9.11
C TRP C 47 20.83 1.43 8.64
N ILE C 48 21.58 0.45 9.13
CA ILE C 48 23.01 0.41 8.90
C ILE C 48 23.37 -0.60 7.82
N SER C 49 22.96 -1.86 7.97
CA SER C 49 23.48 -2.86 7.07
C SER C 49 22.50 -4.02 6.89
N PHE C 50 22.67 -4.75 5.78
CA PHE C 50 21.85 -5.89 5.43
C PHE C 50 22.69 -7.01 4.87
N ILE C 51 22.47 -8.21 5.41
CA ILE C 51 23.05 -9.46 4.92
C ILE C 51 21.92 -10.36 4.47
N LYS C 52 22.08 -10.94 3.29
CA LYS C 52 21.10 -11.88 2.75
C LYS C 52 21.57 -13.30 2.98
N SER C 53 20.64 -14.24 2.80
CA SER C 53 20.96 -15.64 3.01
C SER C 53 22.03 -16.10 2.02
N LYS C 54 22.57 -17.29 2.26
CA LYS C 54 23.57 -17.86 1.37
C LYS C 54 22.98 -18.21 0.01
N THR C 55 21.69 -18.53 -0.04
CA THR C 55 21.07 -19.04 -1.26
C THR C 55 20.54 -17.94 -2.17
N TYR C 56 20.64 -16.68 -1.77
CA TYR C 56 20.16 -15.56 -2.58
C TYR C 56 21.32 -14.68 -3.01
N GLY C 57 22.47 -15.28 -3.31
CA GLY C 57 23.63 -14.55 -3.75
C GLY C 57 24.58 -14.14 -2.65
N GLY C 58 24.12 -14.15 -1.40
CA GLY C 58 25.00 -13.80 -0.29
C GLY C 58 25.60 -12.42 -0.38
N THR C 59 24.83 -11.45 -0.87
CA THR C 59 25.36 -10.10 -1.03
C THR C 59 25.25 -9.33 0.27
N LYS C 60 26.17 -8.40 0.46
CA LYS C 60 26.26 -7.58 1.66
C LYS C 60 26.09 -6.14 1.25
N GLU C 61 25.21 -5.40 1.92
CA GLU C 61 25.03 -4.02 1.52
C GLU C 61 24.73 -3.13 2.71
N TYR C 62 24.92 -1.83 2.52
CA TYR C 62 24.93 -0.87 3.61
C TYR C 62 24.23 0.40 3.18
N ALA C 63 23.81 1.19 4.17
CA ALA C 63 23.39 2.55 3.88
C ALA C 63 24.61 3.40 3.52
N ALA C 64 24.36 4.43 2.70
CA ALA C 64 25.46 5.24 2.19
C ALA C 64 26.22 5.96 3.30
N SER C 65 25.59 6.14 4.47
CA SER C 65 26.25 6.86 5.55
C SER C 65 27.45 6.09 6.10
N VAL C 66 27.38 4.76 6.09
CA VAL C 66 28.41 3.93 6.70
C VAL C 66 29.14 3.07 5.68
N LYS C 67 28.87 3.25 4.39
CA LYS C 67 29.54 2.44 3.39
C LYS C 67 31.01 2.84 3.28
N GLY C 68 31.87 1.83 3.17
CA GLY C 68 33.30 2.06 3.17
C GLY C 68 33.95 2.03 4.53
N ARG C 69 33.17 1.96 5.60
CA ARG C 69 33.70 1.85 6.94
C ARG C 69 33.06 0.74 7.76
N PHE C 70 32.03 0.07 7.24
CA PHE C 70 31.33 -0.98 7.96
C PHE C 70 31.33 -2.24 7.12
N THR C 71 31.51 -3.39 7.77
CA THR C 71 31.40 -4.68 7.09
C THR C 71 30.58 -5.64 7.93
N ILE C 72 29.57 -6.25 7.33
CA ILE C 72 28.72 -7.20 8.02
C ILE C 72 28.93 -8.58 7.40
N SER C 73 29.19 -9.57 8.24
CA SER C 73 29.39 -10.94 7.80
C SER C 73 28.56 -11.88 8.65
N ARG C 74 28.31 -13.06 8.13
CA ARG C 74 27.53 -14.07 8.84
C ARG C 74 28.31 -15.38 8.86
N ASP C 75 28.30 -16.05 10.00
CA ASP C 75 29.01 -17.32 10.15
C ASP C 75 28.00 -18.45 10.26
N ASP C 76 28.08 -19.40 9.34
CA ASP C 76 27.26 -20.59 9.44
C ASP C 76 27.87 -21.58 10.44
N SER C 77 27.04 -22.51 10.88
CA SER C 77 27.37 -23.57 11.84
C SER C 77 27.66 -23.02 13.23
N LYS C 78 27.71 -21.70 13.39
CA LYS C 78 27.77 -21.07 14.69
C LYS C 78 26.55 -20.22 14.99
N ASN C 79 25.75 -19.89 13.97
CA ASN C 79 24.52 -19.12 14.14
C ASN C 79 24.78 -17.75 14.75
N ILE C 80 25.83 -17.08 14.27
CA ILE C 80 26.16 -15.74 14.76
C ILE C 80 26.54 -14.84 13.58
N ALA C 81 26.45 -13.54 13.83
CA ALA C 81 26.66 -12.52 12.81
C ALA C 81 27.61 -11.44 13.34
N TYR C 82 28.59 -11.09 12.52
CA TYR C 82 29.61 -10.11 12.86
C TYR C 82 29.31 -8.78 12.18
N LEU C 83 29.58 -7.69 12.88
CA LEU C 83 29.49 -6.36 12.29
C LEU C 83 30.81 -5.68 12.63
N GLN C 84 31.49 -5.11 11.65
CA GLN C 84 32.78 -4.48 11.93
C GLN C 84 32.84 -2.99 11.60
N MET C 85 33.31 -2.19 12.54
CA MET C 85 33.41 -0.75 12.32
C MET C 85 34.85 -0.28 12.36
N ASN C 86 35.26 0.42 11.32
CA ASN C 86 36.61 0.94 11.23
C ASN C 86 36.50 2.44 11.22
N SER C 87 37.48 3.12 11.79
CA SER C 87 37.51 4.58 11.81
C SER C 87 36.23 5.20 12.33
N LEU C 88 35.82 4.80 13.52
CA LEU C 88 34.62 5.33 14.10
C LEU C 88 34.73 6.83 14.32
N LYS C 89 33.65 7.52 14.01
CA LYS C 89 33.53 8.95 14.20
C LYS C 89 32.82 9.23 15.52
N THR C 90 33.01 10.46 16.02
CA THR C 90 32.41 10.86 17.29
C THR C 90 30.90 10.70 17.25
N GLU C 91 30.29 10.96 16.09
CA GLU C 91 28.84 10.92 15.95
C GLU C 91 28.27 9.52 16.10
N ASP C 92 29.07 8.48 15.91
CA ASP C 92 28.55 7.13 15.79
C ASP C 92 28.22 6.48 17.13
N THR C 93 28.15 7.23 18.22
CA THR C 93 27.69 6.66 19.48
C THR C 93 26.18 6.39 19.39
N ALA C 94 25.78 5.17 19.72
CA ALA C 94 24.40 4.79 19.50
C ALA C 94 24.13 3.43 20.14
N VAL C 95 22.86 3.05 20.13
CA VAL C 95 22.43 1.69 20.44
C VAL C 95 22.30 0.93 19.14
N TYR C 96 22.93 -0.23 19.06
CA TYR C 96 22.88 -1.06 17.86
C TYR C 96 21.95 -2.24 18.10
N TYR C 97 21.01 -2.43 17.17
CA TYR C 97 20.03 -3.51 17.20
C TYR C 97 20.31 -4.48 16.06
N CYS C 98 20.16 -5.77 16.37
CA CYS C 98 20.28 -6.86 15.42
C CYS C 98 18.88 -7.36 15.10
N THR C 99 18.53 -7.40 13.82
CA THR C 99 17.18 -7.76 13.40
C THR C 99 17.22 -8.86 12.35
N ARG C 100 16.12 -9.59 12.25
CA ARG C 100 15.93 -10.61 11.24
C ARG C 100 14.94 -10.11 10.20
N GLY C 101 15.37 -10.07 8.95
CA GLY C 101 14.50 -9.64 7.87
C GLY C 101 13.52 -10.75 7.49
N ALA C 102 12.28 -10.38 7.23
CA ALA C 102 11.31 -11.39 6.90
C ALA C 102 11.03 -11.37 5.42
N PRO C 103 11.28 -12.51 4.76
CA PRO C 103 11.03 -12.69 3.34
C PRO C 103 9.54 -12.75 3.09
N TYR C 104 9.09 -12.32 1.92
CA TYR C 104 7.66 -12.16 1.70
C TYR C 104 6.81 -13.39 1.92
N GLY C 105 7.26 -14.53 1.43
CA GLY C 105 6.51 -15.74 1.67
C GLY C 105 7.35 -16.48 2.67
N GLY C 106 7.38 -17.79 2.56
CA GLY C 106 8.26 -18.55 3.42
C GLY C 106 9.68 -18.17 3.00
N ASN C 107 9.91 -18.15 1.69
CA ASN C 107 11.18 -17.80 1.14
C ASN C 107 11.05 -16.94 -0.11
N SER C 108 11.90 -15.93 -0.19
CA SER C 108 12.04 -15.07 -1.34
C SER C 108 13.11 -14.03 -1.03
N ASP C 109 13.65 -13.43 -2.09
CA ASP C 109 14.69 -12.42 -1.92
C ASP C 109 14.09 -11.13 -1.38
N TYR C 110 12.80 -10.91 -1.59
CA TYR C 110 12.21 -9.62 -1.24
C TYR C 110 11.59 -9.66 0.15
N TYR C 111 11.85 -8.63 0.93
CA TYR C 111 11.45 -8.56 2.33
C TYR C 111 10.44 -7.46 2.55
N TYR C 112 9.62 -7.62 3.60
CA TYR C 112 8.63 -6.62 3.97
C TYR C 112 8.92 -5.91 5.28
N GLY C 113 9.81 -6.43 6.11
CA GLY C 113 10.06 -5.81 7.39
C GLY C 113 11.09 -6.57 8.19
N LEU C 114 11.33 -6.07 9.40
CA LEU C 114 12.22 -6.71 10.36
C LEU C 114 11.39 -7.07 11.58
N ASP C 115 11.19 -8.38 11.80
CA ASP C 115 10.22 -8.83 12.78
C ASP C 115 10.79 -8.79 14.19
N VAL C 116 11.84 -9.55 14.44
CA VAL C 116 12.34 -9.79 15.78
C VAL C 116 13.58 -8.93 16.02
N TRP C 117 13.57 -8.18 17.10
CA TRP C 117 14.61 -7.23 17.42
C TRP C 117 15.29 -7.63 18.74
N GLY C 118 16.60 -7.68 18.72
CA GLY C 118 17.34 -7.88 19.94
C GLY C 118 17.30 -6.65 20.82
N GLN C 119 17.69 -6.85 22.09
CA GLN C 119 17.65 -5.76 23.05
C GLN C 119 18.59 -4.62 22.69
N GLY C 120 19.57 -4.86 21.83
CA GLY C 120 20.48 -3.82 21.42
C GLY C 120 21.57 -3.60 22.43
N THR C 121 22.78 -3.29 21.95
CA THR C 121 23.91 -3.02 22.82
C THR C 121 24.45 -1.62 22.52
N THR C 122 25.00 -0.97 23.54
CA THR C 122 25.38 0.43 23.41
C THR C 122 26.86 0.57 23.07
N VAL C 123 27.15 1.53 22.19
CA VAL C 123 28.50 1.83 21.76
C VAL C 123 28.71 3.33 21.91
N THR C 124 29.67 3.70 22.75
CA THR C 124 30.01 5.11 22.96
C THR C 124 31.44 5.33 22.51
N VAL C 125 31.64 6.33 21.68
CA VAL C 125 32.98 6.76 21.29
C VAL C 125 33.25 8.10 21.94
N SER C 126 34.40 8.23 22.59
CA SER C 126 34.73 9.42 23.35
C SER C 126 36.23 9.44 23.57
N SER C 127 36.69 10.40 24.37
CA SER C 127 38.11 10.54 24.63
C SER C 127 38.38 10.58 26.12
N ALA C 128 37.39 10.98 26.90
CA ALA C 128 37.58 11.13 28.34
C ALA C 128 37.66 9.78 29.02
N SER C 129 38.40 9.73 30.12
CA SER C 129 38.47 8.56 30.96
C SER C 129 37.35 8.63 32.00
N THR C 130 37.32 7.65 32.91
CA THR C 130 36.29 7.62 33.94
C THR C 130 36.52 8.77 34.91
N LYS C 131 35.64 9.76 34.88
CA LYS C 131 35.68 10.89 35.79
C LYS C 131 34.43 10.85 36.66
N GLY C 132 34.62 10.68 37.96
CA GLY C 132 33.52 10.63 38.89
C GLY C 132 32.74 11.93 38.90
N PRO C 133 31.43 11.83 39.11
CA PRO C 133 30.60 13.04 39.06
C PRO C 133 31.00 14.05 40.13
N SER C 134 30.96 15.32 39.74
CA SER C 134 31.11 16.42 40.69
C SER C 134 29.71 16.91 41.01
N VAL C 135 29.35 16.84 42.29
CA VAL C 135 27.99 17.19 42.73
C VAL C 135 28.02 18.60 43.29
N PHE C 136 27.18 19.47 42.72
CA PHE C 136 27.02 20.83 43.19
C PHE C 136 25.58 21.06 43.63
N PRO C 137 25.36 21.84 44.68
CA PRO C 137 23.98 22.04 45.16
C PRO C 137 23.35 23.29 44.59
N LEU C 138 22.08 23.17 44.24
CA LEU C 138 21.24 24.31 43.86
C LEU C 138 20.18 24.42 44.97
N ALA C 139 20.40 25.37 45.90
CA ALA C 139 19.56 25.53 47.07
C ALA C 139 18.38 26.44 46.77
N PRO C 140 17.24 26.19 47.41
CA PRO C 140 16.04 27.00 47.15
C PRO C 140 16.13 28.34 47.87
N SER C 141 16.37 29.40 47.12
CA SER C 141 16.42 30.74 47.66
C SER C 141 15.15 31.55 47.39
N SER C 142 14.13 30.91 46.82
CA SER C 142 12.90 31.62 46.50
C SER C 142 12.19 32.05 47.78
N LYS C 143 11.63 33.26 47.76
CA LYS C 143 10.92 33.79 48.92
C LYS C 143 11.90 34.40 49.92
N GLY C 148 4.45 27.58 49.61
CA GLY C 148 4.74 27.36 48.21
C GLY C 148 5.67 26.20 47.98
N THR C 149 5.86 25.82 46.72
CA THR C 149 6.71 24.70 46.35
C THR C 149 8.07 25.24 45.92
N ALA C 150 9.11 24.89 46.66
CA ALA C 150 10.47 25.32 46.37
C ALA C 150 11.27 24.14 45.83
N ALA C 151 12.27 24.46 45.01
CA ALA C 151 13.07 23.45 44.33
C ALA C 151 14.43 23.33 45.00
N LEU C 152 14.80 22.11 45.37
CA LEU C 152 16.14 21.77 45.80
C LEU C 152 16.74 20.83 44.77
N GLY C 153 17.99 21.07 44.38
CA GLY C 153 18.53 20.35 43.24
C GLY C 153 19.99 19.97 43.42
N CYS C 154 20.37 18.92 42.71
CA CYS C 154 21.75 18.49 42.59
C CYS C 154 22.14 18.56 41.12
N LEU C 155 23.31 19.12 40.84
CA LEU C 155 23.87 19.17 39.50
C LEU C 155 25.11 18.30 39.48
N VAL C 156 25.08 17.25 38.67
CA VAL C 156 26.21 16.34 38.51
C VAL C 156 26.90 16.75 37.22
N LYS C 157 28.13 17.24 37.33
CA LYS C 157 28.91 17.68 36.19
C LYS C 157 30.12 16.79 36.02
N ASP C 158 30.49 16.53 34.76
CA ASP C 158 31.70 15.78 34.44
C ASP C 158 31.64 14.34 34.94
N TYR C 159 30.66 13.61 34.43
CA TYR C 159 30.51 12.19 34.69
C TYR C 159 30.68 11.44 33.37
N PHE C 160 31.28 10.25 33.45
CA PHE C 160 31.44 9.43 32.25
C PHE C 160 31.84 8.01 32.64
N PRO C 161 31.24 6.98 32.04
CA PRO C 161 30.14 7.02 31.06
C PRO C 161 28.79 7.00 31.75
N GLU C 162 27.69 7.18 31.01
CA GLU C 162 26.37 7.15 31.62
C GLU C 162 26.04 5.72 32.05
N PRO C 163 25.11 5.55 33.00
CA PRO C 163 24.37 6.58 33.73
C PRO C 163 24.76 6.67 35.20
N VAL C 164 24.15 7.59 35.94
CA VAL C 164 24.34 7.70 37.38
C VAL C 164 22.99 7.61 38.06
N THR C 165 23.01 7.21 39.33
CA THR C 165 21.80 7.02 40.11
C THR C 165 21.65 8.17 41.11
N VAL C 166 20.49 8.80 41.12
CA VAL C 166 20.21 9.92 42.02
C VAL C 166 19.10 9.49 42.97
N SER C 167 19.35 9.60 44.26
CA SER C 167 18.40 9.22 45.29
C SER C 167 18.14 10.41 46.20
N TRP C 168 16.86 10.62 46.53
CA TRP C 168 16.44 11.69 47.41
C TRP C 168 16.15 11.10 48.79
N ASN C 169 16.78 11.67 49.82
CA ASN C 169 16.60 11.21 51.19
C ASN C 169 16.99 9.75 51.34
N SER C 170 18.08 9.35 50.67
CA SER C 170 18.53 7.97 50.65
C SER C 170 17.45 7.03 50.10
N GLY C 171 16.74 7.51 49.08
CA GLY C 171 15.66 6.75 48.48
C GLY C 171 14.29 7.00 49.07
N ALA C 172 14.18 7.83 50.11
CA ALA C 172 12.89 8.06 50.73
C ALA C 172 11.98 8.89 49.83
N LEU C 173 12.48 10.00 49.29
CA LEU C 173 11.66 10.98 48.58
C LEU C 173 11.57 10.58 47.12
N THR C 174 10.58 9.75 46.78
CA THR C 174 10.31 9.39 45.40
C THR C 174 9.17 10.19 44.80
N SER C 175 8.62 11.16 45.53
CA SER C 175 7.51 11.97 45.05
C SER C 175 8.03 13.35 44.70
N GLY C 176 7.73 13.79 43.48
CA GLY C 176 8.17 15.09 43.02
C GLY C 176 9.62 15.16 42.58
N VAL C 177 10.29 14.03 42.43
CA VAL C 177 11.68 14.00 42.03
C VAL C 177 11.75 13.88 40.52
N HIS C 178 12.37 14.85 39.86
CA HIS C 178 12.58 14.84 38.43
C HIS C 178 14.06 14.67 38.17
N THR C 179 14.42 13.61 37.45
CA THR C 179 15.79 13.37 37.02
C THR C 179 15.87 13.76 35.55
N PHE C 180 16.58 14.84 35.26
CA PHE C 180 16.69 15.32 33.90
C PHE C 180 17.51 14.34 33.06
N PRO C 181 17.29 14.30 31.75
CA PRO C 181 18.10 13.43 30.90
C PRO C 181 19.55 13.88 30.89
N ALA C 182 20.44 12.91 30.66
CA ALA C 182 21.85 13.22 30.55
C ALA C 182 22.11 14.06 29.31
N VAL C 183 22.89 15.13 29.47
CA VAL C 183 23.25 16.02 28.38
C VAL C 183 24.74 15.90 28.15
N LEU C 184 25.15 15.78 26.89
CA LEU C 184 26.55 15.69 26.53
C LEU C 184 27.11 17.10 26.41
N GLN C 185 27.95 17.50 27.36
CA GLN C 185 28.63 18.77 27.27
C GLN C 185 29.74 18.70 26.22
N SER C 186 30.10 19.85 25.68
CA SER C 186 31.17 19.90 24.70
C SER C 186 32.52 19.52 25.29
N SER C 187 32.67 19.60 26.61
CA SER C 187 33.91 19.20 27.27
C SER C 187 34.14 17.70 27.23
N GLY C 188 33.17 16.92 26.80
CA GLY C 188 33.28 15.48 26.70
C GLY C 188 32.63 14.73 27.84
N LEU C 189 32.37 15.39 28.96
CA LEU C 189 31.74 14.76 30.11
C LEU C 189 30.22 14.81 29.97
N TYR C 190 29.53 14.32 30.99
CA TYR C 190 28.08 14.31 31.04
C TYR C 190 27.58 15.21 32.16
N SER C 191 26.38 15.75 31.97
CA SER C 191 25.75 16.63 32.94
C SER C 191 24.34 16.12 33.22
N LEU C 192 24.00 16.01 34.49
CA LEU C 192 22.68 15.57 34.91
C LEU C 192 22.15 16.50 35.99
N SER C 193 20.84 16.66 36.03
CA SER C 193 20.18 17.54 36.99
C SER C 193 19.08 16.77 37.70
N SER C 194 19.06 16.86 39.02
CA SER C 194 18.01 16.25 39.84
C SER C 194 17.31 17.37 40.59
N VAL C 195 15.99 17.44 40.48
CA VAL C 195 15.19 18.50 41.09
C VAL C 195 14.12 17.87 41.96
N VAL C 196 13.87 18.47 43.12
CA VAL C 196 12.86 17.98 44.06
C VAL C 196 12.06 19.17 44.56
N THR C 197 10.75 18.97 44.68
CA THR C 197 9.83 20.01 45.13
C THR C 197 9.46 19.75 46.59
N VAL C 198 9.63 20.77 47.43
CA VAL C 198 9.34 20.65 48.85
C VAL C 198 8.49 21.83 49.31
N PRO C 199 7.66 21.67 50.33
CA PRO C 199 6.89 22.81 50.84
C PRO C 199 7.80 23.86 51.45
N SER C 200 7.34 25.11 51.43
CA SER C 200 8.12 26.21 52.00
C SER C 200 8.36 25.98 53.49
N SER C 201 7.32 25.56 54.21
CA SER C 201 7.51 25.20 55.61
C SER C 201 8.43 23.99 55.74
N SER C 202 8.28 23.02 54.84
CA SER C 202 9.15 21.85 54.87
C SER C 202 10.56 22.16 54.39
N LEU C 203 10.77 23.31 53.75
CA LEU C 203 12.10 23.68 53.28
C LEU C 203 13.06 23.86 54.44
N GLY C 204 12.59 24.44 55.54
CA GLY C 204 13.39 24.63 56.73
C GLY C 204 13.11 23.67 57.86
N THR C 205 12.37 22.59 57.61
CA THR C 205 12.03 21.63 58.67
C THR C 205 12.94 20.40 58.65
N GLN C 206 12.98 19.68 57.53
CA GLN C 206 13.78 18.48 57.41
C GLN C 206 15.16 18.82 56.85
N THR C 207 15.91 17.80 56.47
CA THR C 207 17.22 17.97 55.85
C THR C 207 17.20 17.29 54.49
N TYR C 208 17.51 18.06 53.45
CA TYR C 208 17.54 17.52 52.09
C TYR C 208 18.88 16.83 51.88
N ILE C 209 18.85 15.50 51.74
CA ILE C 209 20.05 14.70 51.50
C ILE C 209 19.92 14.09 50.12
N CYS C 210 20.90 14.35 49.27
CA CYS C 210 20.95 13.79 47.92
C CYS C 210 22.10 12.79 47.85
N ASN C 211 21.81 11.59 47.36
CA ASN C 211 22.81 10.55 47.19
C ASN C 211 23.06 10.37 45.69
N VAL C 212 24.31 10.49 45.27
CA VAL C 212 24.70 10.31 43.88
C VAL C 212 25.61 9.09 43.83
N ASN C 213 25.22 8.09 43.04
CA ASN C 213 25.96 6.86 42.89
C ASN C 213 26.44 6.77 41.44
N HIS C 214 27.75 6.64 41.27
CA HIS C 214 28.38 6.52 39.95
C HIS C 214 29.12 5.19 39.93
N LYS C 215 28.51 4.20 39.30
CA LYS C 215 29.13 2.88 39.21
C LYS C 215 30.45 2.88 38.46
N PRO C 216 30.59 3.58 37.33
CA PRO C 216 31.86 3.48 36.58
C PRO C 216 33.09 3.87 37.37
N SER C 217 32.99 4.87 38.23
CA SER C 217 34.11 5.29 39.06
C SER C 217 33.94 4.89 40.52
N ASN C 218 32.81 4.29 40.88
CA ASN C 218 32.53 3.90 42.27
C ASN C 218 32.50 5.13 43.19
N THR C 219 31.66 6.09 42.84
CA THR C 219 31.57 7.34 43.57
C THR C 219 30.24 7.41 44.31
N LYS C 220 30.31 7.63 45.62
CA LYS C 220 29.13 7.82 46.46
C LYS C 220 29.24 9.23 47.04
N VAL C 221 28.50 10.17 46.47
CA VAL C 221 28.55 11.56 46.87
C VAL C 221 27.28 11.86 47.67
N ASP C 222 27.46 12.30 48.90
CA ASP C 222 26.35 12.70 49.77
C ASP C 222 26.35 14.23 49.83
N LYS C 223 25.35 14.84 49.22
CA LYS C 223 25.22 16.29 49.17
C LYS C 223 24.13 16.71 50.14
N LYS C 224 24.47 17.60 51.06
CA LYS C 224 23.51 18.15 52.01
C LYS C 224 23.04 19.48 51.45
N VAL C 225 21.81 19.51 50.97
CA VAL C 225 21.22 20.73 50.44
C VAL C 225 20.68 21.53 51.63
N GLU C 226 21.07 22.79 51.71
CA GLU C 226 20.58 23.70 52.73
C GLU C 226 20.23 25.01 52.06
N PRO C 227 19.36 25.81 52.66
CA PRO C 227 19.12 27.16 52.11
C PRO C 227 20.42 27.96 52.11
N LYS C 228 20.60 28.75 51.05
CA LYS C 228 21.82 29.53 50.88
C LYS C 228 21.64 30.87 51.58
N SER C 229 22.57 31.17 52.49
CA SER C 229 22.53 32.42 53.23
C SER C 229 22.98 33.59 52.37
N ASP D 1 17.64 6.46 -4.59
CA ASP D 1 17.32 6.67 -3.18
C ASP D 1 15.90 7.18 -2.98
N ILE D 2 15.27 6.75 -1.88
CA ILE D 2 13.90 7.11 -1.56
C ILE D 2 13.93 8.02 -0.34
N GLN D 3 13.46 9.26 -0.52
CA GLN D 3 13.31 10.17 0.61
C GLN D 3 11.97 9.93 1.28
N MET D 4 11.97 9.98 2.60
CA MET D 4 10.79 9.67 3.40
C MET D 4 10.46 10.87 4.28
N THR D 5 9.20 11.28 4.26
CA THR D 5 8.75 12.39 5.07
C THR D 5 7.67 11.90 6.00
N GLN D 6 7.80 12.25 7.28
CA GLN D 6 6.85 11.82 8.29
C GLN D 6 6.00 12.99 8.74
N SER D 7 4.70 12.80 8.77
CA SER D 7 3.79 13.85 9.17
C SER D 7 2.79 13.27 10.15
N PRO D 8 2.30 14.09 11.07
CA PRO D 8 3.01 15.19 11.74
C PRO D 8 4.03 14.66 12.73
N SER D 9 5.02 15.47 13.07
CA SER D 9 6.02 15.02 14.01
C SER D 9 5.46 14.71 15.40
N SER D 10 4.56 15.54 15.90
CA SER D 10 4.02 15.28 17.23
C SER D 10 2.50 15.16 17.24
N LEU D 11 2.01 14.07 17.82
CA LEU D 11 0.59 13.81 17.92
C LEU D 11 0.15 13.92 19.36
N SER D 12 -0.92 14.68 19.59
CA SER D 12 -1.53 14.79 20.91
C SER D 12 -2.91 14.15 20.84
N ALA D 13 -3.15 13.19 21.73
CA ALA D 13 -4.44 12.51 21.76
C ALA D 13 -4.70 12.00 23.17
N SER D 14 -5.97 11.76 23.44
CA SER D 14 -6.40 11.09 24.66
C SER D 14 -6.87 9.69 24.28
N VAL D 15 -7.33 8.94 25.29
CA VAL D 15 -7.84 7.61 25.03
C VAL D 15 -9.17 7.72 24.29
N GLY D 16 -9.28 6.97 23.19
CA GLY D 16 -10.50 6.93 22.41
C GLY D 16 -10.44 7.67 21.10
N ASP D 17 -9.44 8.53 20.91
CA ASP D 17 -9.37 9.28 19.66
C ASP D 17 -8.79 8.41 18.54
N ARG D 18 -9.10 8.83 17.32
CA ARG D 18 -8.70 8.13 16.10
C ARG D 18 -7.54 8.90 15.49
N VAL D 19 -6.36 8.30 15.49
CA VAL D 19 -5.13 8.98 15.12
C VAL D 19 -4.63 8.44 13.79
N THR D 20 -4.30 9.34 12.88
CA THR D 20 -3.79 8.99 11.56
C THR D 20 -2.41 9.60 11.37
N ILE D 21 -1.45 8.78 10.99
CA ILE D 21 -0.08 9.20 10.73
C ILE D 21 0.24 8.89 9.28
N THR D 22 0.86 9.85 8.59
CA THR D 22 1.08 9.74 7.15
C THR D 22 2.57 9.69 6.83
N CYS D 23 2.99 8.65 6.13
CA CYS D 23 4.33 8.54 5.57
C CYS D 23 4.25 8.84 4.08
N ARG D 24 5.06 9.77 3.61
CA ARG D 24 5.05 10.20 2.23
C ARG D 24 6.41 9.92 1.61
N THR D 25 6.42 9.20 0.50
CA THR D 25 7.64 8.79 -0.19
C THR D 25 7.67 9.43 -1.57
N SER D 26 8.78 10.03 -1.94
CA SER D 26 8.82 10.65 -3.25
C SER D 26 8.64 9.65 -4.37
N GLN D 27 9.32 8.52 -4.30
CA GLN D 27 9.19 7.49 -5.32
C GLN D 27 7.95 6.66 -5.05
N ASP D 28 7.47 5.96 -6.07
CA ASP D 28 6.29 5.13 -5.92
C ASP D 28 6.67 3.75 -5.40
N VAL D 29 6.62 3.60 -4.09
CA VAL D 29 6.96 2.34 -3.41
C VAL D 29 6.02 1.16 -3.67
N ARG D 30 4.72 1.43 -3.76
CA ARG D 30 3.68 0.44 -4.04
C ARG D 30 3.53 -0.85 -3.23
N GLY D 31 3.43 -0.74 -1.91
CA GLY D 31 3.25 -1.90 -1.06
C GLY D 31 4.52 -2.48 -0.49
N ALA D 32 5.47 -1.64 -0.12
CA ALA D 32 6.69 -2.09 0.54
C ALA D 32 7.04 -1.16 1.69
N LEU D 33 6.04 -0.79 2.47
CA LEU D 33 6.23 -0.01 3.68
C LEU D 33 5.90 -0.84 4.91
N ALA D 34 6.63 -0.58 5.98
CA ALA D 34 6.41 -1.25 7.25
C ALA D 34 6.40 -0.22 8.36
N TRP D 35 5.43 -0.33 9.25
CA TRP D 35 5.27 0.57 10.39
C TRP D 35 5.75 -0.14 11.65
N TYR D 36 6.68 0.50 12.36
CA TYR D 36 7.29 0.02 13.59
C TYR D 36 6.87 0.90 14.76
N GLN D 37 6.73 0.26 15.92
CA GLN D 37 6.37 0.92 17.16
C GLN D 37 7.50 0.75 18.17
N GLN D 38 7.90 1.85 18.79
CA GLN D 38 8.97 1.83 19.79
C GLN D 38 8.48 2.50 21.05
N LYS D 39 8.40 1.73 22.14
CA LYS D 39 8.21 2.31 23.45
C LYS D 39 9.47 3.06 23.84
N PRO D 40 9.37 4.06 24.74
CA PRO D 40 10.45 5.05 24.87
C PRO D 40 11.84 4.46 25.09
N GLY D 41 11.98 3.38 25.85
CA GLY D 41 13.31 2.88 26.15
C GLY D 41 13.62 1.50 25.62
N LYS D 42 12.62 0.80 25.11
CA LYS D 42 12.75 -0.60 24.76
C LYS D 42 13.00 -0.76 23.26
N ALA D 43 13.03 -2.02 22.83
CA ALA D 43 13.25 -2.37 21.44
C ALA D 43 11.97 -2.17 20.62
N PRO D 44 12.11 -1.78 19.36
CA PRO D 44 10.93 -1.66 18.49
C PRO D 44 10.39 -3.01 18.06
N LYS D 45 9.15 -2.99 17.59
CA LYS D 45 8.50 -4.18 17.05
C LYS D 45 7.73 -3.78 15.80
N LEU D 46 7.51 -4.76 14.93
CA LEU D 46 6.90 -4.52 13.63
C LEU D 46 5.38 -4.56 13.76
N LEU D 47 4.74 -3.45 13.43
CA LEU D 47 3.30 -3.30 13.60
C LEU D 47 2.57 -3.65 12.31
N ILE D 48 2.86 -2.93 11.24
CA ILE D 48 2.20 -3.13 9.94
C ILE D 48 3.27 -3.58 8.95
N PHE D 49 3.17 -4.82 8.47
CA PHE D 49 4.29 -5.35 7.70
C PHE D 49 4.16 -5.07 6.21
N ASP D 50 2.96 -5.08 5.67
CA ASP D 50 2.74 -4.48 4.37
C ASP D 50 2.35 -3.03 4.62
N ALA D 51 1.91 -2.32 3.58
CA ALA D 51 1.34 -1.01 3.85
C ALA D 51 0.04 -1.12 4.61
N SER D 52 -0.58 -2.30 4.66
CA SER D 52 -1.88 -2.46 5.30
C SER D 52 -2.06 -3.72 6.14
N SER D 53 -1.17 -4.70 6.06
CA SER D 53 -1.44 -5.98 6.71
C SER D 53 -0.90 -6.01 8.13
N LEU D 54 -1.47 -6.92 8.93
CA LEU D 54 -1.16 -7.01 10.35
C LEU D 54 -0.30 -8.23 10.64
N GLU D 55 0.62 -8.08 11.60
CA GLU D 55 1.35 -9.21 12.11
C GLU D 55 0.54 -9.93 13.19
N THR D 56 1.08 -11.05 13.68
CA THR D 56 0.34 -11.86 14.64
C THR D 56 0.32 -11.20 16.01
N GLY D 57 1.42 -10.58 16.42
CA GLY D 57 1.52 -10.04 17.76
C GLY D 57 1.05 -8.61 17.83
N VAL D 58 -0.04 -8.31 17.12
CA VAL D 58 -0.50 -6.93 17.03
C VAL D 58 -2.00 -6.91 17.25
N PRO D 59 -2.51 -5.99 18.07
CA PRO D 59 -3.96 -5.91 18.27
C PRO D 59 -4.67 -5.47 17.01
N SER D 60 -5.96 -5.80 16.95
CA SER D 60 -6.77 -5.50 15.77
C SER D 60 -7.08 -4.02 15.63
N ARG D 61 -6.76 -3.20 16.63
CA ARG D 61 -7.09 -1.78 16.56
C ARG D 61 -6.17 -0.98 15.66
N PHE D 62 -5.15 -1.61 15.09
CA PHE D 62 -4.22 -0.95 14.17
C PHE D 62 -4.63 -1.28 12.74
N SER D 63 -4.89 -0.25 11.95
CA SER D 63 -5.27 -0.41 10.56
C SER D 63 -4.30 0.36 9.67
N GLY D 64 -4.09 -0.14 8.47
CA GLY D 64 -3.19 0.49 7.53
C GLY D 64 -3.89 0.75 6.22
N SER D 65 -3.44 1.79 5.52
CA SER D 65 -3.94 2.08 4.19
C SER D 65 -2.82 2.69 3.38
N GLY D 66 -2.93 2.61 2.07
CA GLY D 66 -1.86 3.15 1.27
C GLY D 66 -2.10 3.17 -0.22
N SER D 67 -1.48 4.14 -0.89
CA SER D 67 -1.51 4.22 -2.34
C SER D 67 -0.25 4.95 -2.77
N GLY D 68 0.72 4.20 -3.29
CA GLY D 68 1.87 4.82 -3.91
C GLY D 68 2.60 5.77 -3.00
N THR D 69 2.41 7.07 -3.25
CA THR D 69 3.08 8.10 -2.48
C THR D 69 2.69 8.06 -1.00
N VAL D 70 1.41 7.88 -0.70
CA VAL D 70 0.87 8.20 0.62
C VAL D 70 0.49 6.92 1.35
N PHE D 71 1.04 6.72 2.55
CA PHE D 71 0.67 5.61 3.42
C PHE D 71 0.19 6.16 4.75
N THR D 72 -0.87 5.56 5.29
CA THR D 72 -1.46 6.02 6.53
C THR D 72 -1.61 4.88 7.53
N LEU D 73 -1.28 5.17 8.77
CA LEU D 73 -1.55 4.31 9.91
C LEU D 73 -2.70 4.91 10.70
N THR D 74 -3.71 4.11 11.00
CA THR D 74 -4.91 4.56 11.70
C THR D 74 -5.10 3.74 12.97
N ILE D 75 -5.26 4.43 14.08
CA ILE D 75 -5.62 3.81 15.35
C ILE D 75 -7.02 4.29 15.68
N SER D 76 -7.96 3.35 15.83
CA SER D 76 -9.36 3.72 16.02
C SER D 76 -9.64 4.08 17.47
N SER D 77 -9.45 3.13 18.39
CA SER D 77 -9.62 3.37 19.81
C SER D 77 -8.24 3.33 20.45
N LEU D 78 -7.76 4.49 20.86
CA LEU D 78 -6.40 4.62 21.38
C LEU D 78 -6.35 4.09 22.80
N GLN D 79 -5.93 2.84 22.95
CA GLN D 79 -5.64 2.33 24.28
C GLN D 79 -4.37 2.97 24.81
N PRO D 80 -4.21 3.07 26.13
CA PRO D 80 -3.06 3.80 26.69
C PRO D 80 -1.72 3.16 26.38
N GLU D 81 -1.68 1.90 25.95
CA GLU D 81 -0.41 1.24 25.67
C GLU D 81 0.15 1.56 24.30
N ASP D 82 -0.53 2.40 23.51
CA ASP D 82 -0.07 2.75 22.18
C ASP D 82 0.73 4.04 22.15
N PHE D 83 0.91 4.72 23.28
CA PHE D 83 1.61 6.00 23.30
C PHE D 83 3.10 5.71 23.21
N ALA D 84 3.67 5.94 22.03
CA ALA D 84 5.04 5.57 21.74
C ALA D 84 5.51 6.34 20.52
N ALA D 85 6.64 5.94 19.95
CA ALA D 85 7.15 6.54 18.73
C ALA D 85 6.89 5.58 17.57
N TYR D 86 6.41 6.12 16.46
CA TYR D 86 6.06 5.31 15.30
C TYR D 86 6.95 5.70 14.12
N TYR D 87 7.53 4.69 13.48
CA TYR D 87 8.44 4.88 12.36
C TYR D 87 7.95 4.12 11.15
N CYS D 88 8.25 4.63 9.95
CA CYS D 88 7.97 3.93 8.71
C CYS D 88 9.28 3.56 8.03
N GLN D 89 9.26 2.45 7.30
CA GLN D 89 10.43 1.97 6.56
C GLN D 89 9.99 1.49 5.19
N GLN D 90 10.76 1.87 4.17
CA GLN D 90 10.46 1.47 2.80
C GLN D 90 11.25 0.22 2.44
N PHE D 91 10.71 -0.57 1.50
CA PHE D 91 11.32 -1.85 1.18
C PHE D 91 11.36 -2.16 -0.31
N LEU D 92 11.11 -1.18 -1.18
CA LEU D 92 11.15 -1.46 -2.62
C LEU D 92 12.58 -1.74 -3.07
N ASP D 93 13.53 -0.94 -2.61
CA ASP D 93 14.91 -1.13 -3.02
C ASP D 93 15.81 -0.59 -1.92
N PHE D 94 17.01 -1.16 -1.85
CA PHE D 94 18.00 -0.68 -0.90
C PHE D 94 18.43 0.74 -1.26
N PRO D 95 18.76 1.56 -0.26
CA PRO D 95 18.74 1.31 1.18
C PRO D 95 17.34 1.30 1.77
N PHE D 96 17.14 0.53 2.85
CA PHE D 96 15.87 0.48 3.55
C PHE D 96 15.88 1.60 4.60
N THR D 97 15.62 2.81 4.14
CA THR D 97 15.70 3.96 5.01
C THR D 97 14.54 4.00 5.99
N PHE D 98 14.76 4.65 7.12
CA PHE D 98 13.77 4.82 8.16
C PHE D 98 13.25 6.26 8.16
N GLY D 99 11.98 6.41 8.51
CA GLY D 99 11.38 7.73 8.56
C GLY D 99 11.88 8.53 9.75
N GLN D 100 11.52 9.81 9.74
CA GLN D 100 11.97 10.71 10.80
C GLN D 100 11.43 10.28 12.16
N GLY D 101 10.14 9.95 12.23
CA GLY D 101 9.64 9.51 13.53
C GLY D 101 8.52 10.38 14.04
N THR D 102 7.41 9.76 14.38
CA THR D 102 6.23 10.43 14.91
C THR D 102 6.02 10.01 16.36
N ARG D 103 5.72 10.98 17.21
CA ARG D 103 5.52 10.75 18.63
C ARG D 103 4.07 10.96 19.01
N LEU D 104 3.57 10.11 19.91
CA LEU D 104 2.23 10.24 20.45
C LEU D 104 2.32 10.54 21.94
N GLU D 105 1.70 11.62 22.38
CA GLU D 105 1.75 12.06 23.76
C GLU D 105 0.35 12.44 24.24
N ILE D 106 0.13 12.21 25.54
CA ILE D 106 -1.16 12.53 26.17
C ILE D 106 -1.48 14.01 26.02
N LYS D 107 -2.74 14.30 25.72
CA LYS D 107 -3.25 15.66 25.68
C LYS D 107 -3.94 15.97 27.00
N ARG D 108 -3.45 16.97 27.72
CA ARG D 108 -4.01 17.37 29.01
C ARG D 108 -4.27 18.86 28.98
N THR D 109 -4.86 19.37 30.07
CA THR D 109 -5.16 20.79 30.17
C THR D 109 -3.86 21.59 30.09
N VAL D 110 -3.91 22.69 29.34
CA VAL D 110 -2.73 23.53 29.14
C VAL D 110 -2.31 24.13 30.47
N ALA D 111 -1.15 23.71 30.97
CA ALA D 111 -0.65 24.15 32.27
C ALA D 111 0.59 24.99 32.08
N ALA D 112 0.59 26.19 32.64
CA ALA D 112 1.72 27.09 32.49
C ALA D 112 2.91 26.57 33.29
N PRO D 113 4.13 26.90 32.86
CA PRO D 113 5.31 26.41 33.59
C PRO D 113 5.65 27.28 34.77
N SER D 114 6.26 26.66 35.78
CA SER D 114 6.80 27.37 36.93
C SER D 114 8.32 27.46 36.73
N VAL D 115 8.85 28.68 36.76
CA VAL D 115 10.24 28.95 36.39
C VAL D 115 11.01 29.28 37.66
N PHE D 116 12.08 28.52 37.92
CA PHE D 116 12.94 28.73 39.06
C PHE D 116 14.38 28.90 38.59
N ILE D 117 15.09 29.85 39.20
CA ILE D 117 16.46 30.18 38.82
C ILE D 117 17.39 29.82 39.97
N PHE D 118 18.27 28.86 39.74
CA PHE D 118 19.28 28.45 40.69
C PHE D 118 20.60 29.11 40.33
N PRO D 119 21.16 29.94 41.22
CA PRO D 119 22.37 30.68 40.89
C PRO D 119 23.61 29.81 41.05
N PRO D 120 24.77 30.30 40.64
CA PRO D 120 25.97 29.47 40.68
C PRO D 120 26.29 29.02 42.09
N SER D 121 26.80 27.79 42.20
CA SER D 121 27.13 27.22 43.50
C SER D 121 28.41 27.85 44.04
N ASP D 122 28.47 27.97 45.36
CA ASP D 122 29.70 28.42 46.01
C ASP D 122 30.82 27.42 45.79
N GLU D 123 30.52 26.13 45.87
CA GLU D 123 31.53 25.11 45.66
C GLU D 123 32.09 25.17 44.24
N GLN D 124 31.21 25.29 43.25
CA GLN D 124 31.65 25.40 41.87
C GLN D 124 32.22 26.78 41.55
N LEU D 125 32.05 27.76 42.43
CA LEU D 125 32.63 29.07 42.19
C LEU D 125 34.14 29.00 42.11
N LYS D 126 34.77 28.25 43.02
CA LYS D 126 36.20 28.02 42.96
C LYS D 126 36.59 26.90 42.02
N SER D 127 35.62 26.10 41.56
CA SER D 127 35.93 25.02 40.62
C SER D 127 36.45 25.56 39.30
N GLY D 128 35.80 26.61 38.78
CA GLY D 128 36.26 27.23 37.55
C GLY D 128 35.15 27.51 36.57
N THR D 129 34.14 26.65 36.54
CA THR D 129 32.99 26.82 35.67
C THR D 129 31.76 27.11 36.51
N ALA D 130 31.09 28.22 36.22
CA ALA D 130 29.87 28.60 36.92
C ALA D 130 28.68 28.16 36.10
N SER D 131 27.74 27.48 36.75
CA SER D 131 26.53 26.99 36.10
C SER D 131 25.34 27.77 36.62
N VAL D 132 24.51 28.25 35.71
CA VAL D 132 23.22 28.85 36.05
C VAL D 132 22.14 27.86 35.61
N VAL D 133 21.20 27.57 36.50
CA VAL D 133 20.21 26.52 36.27
C VAL D 133 18.83 27.17 36.17
N CYS D 134 18.08 26.83 35.13
CA CYS D 134 16.70 27.27 34.96
C CYS D 134 15.83 26.04 34.93
N LEU D 135 14.87 25.96 35.85
CA LEU D 135 14.00 24.80 35.99
C LEU D 135 12.58 25.22 35.63
N LEU D 136 11.98 24.48 34.71
CA LEU D 136 10.57 24.65 34.34
C LEU D 136 9.84 23.42 34.83
N ASN D 137 8.92 23.62 35.77
CA ASN D 137 8.16 22.54 36.39
C ASN D 137 6.70 22.63 35.96
N ASN D 138 6.13 21.46 35.65
CA ASN D 138 4.70 21.32 35.34
C ASN D 138 4.31 22.15 34.11
N PHE D 139 4.87 21.78 32.97
CA PHE D 139 4.62 22.47 31.72
C PHE D 139 3.80 21.59 30.79
N TYR D 140 2.97 22.23 29.96
CA TYR D 140 2.21 21.55 28.93
C TYR D 140 1.66 22.60 27.95
N PRO D 141 1.83 22.41 26.63
CA PRO D 141 2.45 21.28 25.91
C PRO D 141 3.97 21.32 25.92
N ARG D 142 4.61 20.60 24.99
CA ARG D 142 6.06 20.44 25.03
C ARG D 142 6.78 21.73 24.66
N GLU D 143 6.26 22.50 23.72
CA GLU D 143 6.97 23.67 23.21
C GLU D 143 7.17 24.69 24.34
N ALA D 144 8.39 25.20 24.43
CA ALA D 144 8.73 26.18 25.45
C ALA D 144 10.07 26.81 25.07
N LYS D 145 10.12 28.14 25.14
CA LYS D 145 11.32 28.89 24.77
C LYS D 145 11.97 29.41 26.05
N VAL D 146 13.24 29.06 26.26
CA VAL D 146 14.00 29.52 27.41
C VAL D 146 15.14 30.38 26.86
N GLN D 147 15.20 31.63 27.31
CA GLN D 147 16.21 32.58 26.87
C GLN D 147 17.03 33.02 28.07
N TRP D 148 18.34 33.20 27.85
CA TRP D 148 19.25 33.69 28.88
C TRP D 148 19.55 35.15 28.62
N LYS D 149 19.47 35.98 29.66
CA LYS D 149 19.76 37.39 29.57
C LYS D 149 20.85 37.73 30.58
N VAL D 150 21.96 38.28 30.10
CA VAL D 150 23.05 38.75 30.93
C VAL D 150 23.14 40.25 30.76
N ASP D 151 23.01 40.98 31.88
CA ASP D 151 23.06 42.44 31.86
C ASP D 151 21.99 43.06 30.97
N ASN D 152 20.86 42.37 30.81
CA ASN D 152 19.76 42.79 29.96
C ASN D 152 20.02 42.55 28.48
N ALA D 153 21.04 41.78 28.13
CA ALA D 153 21.35 41.45 26.75
C ALA D 153 21.17 39.95 26.56
N LEU D 154 20.42 39.58 25.52
CA LEU D 154 20.15 38.17 25.26
C LEU D 154 21.43 37.46 24.84
N GLN D 155 21.51 36.18 25.18
CA GLN D 155 22.67 35.36 24.87
C GLN D 155 22.23 34.09 24.14
N SER D 156 23.16 33.49 23.43
CA SER D 156 22.88 32.26 22.70
C SER D 156 24.19 31.55 22.41
N GLY D 157 24.09 30.26 22.11
CA GLY D 157 25.25 29.46 21.78
C GLY D 157 25.98 28.87 22.97
N ASN D 158 25.50 29.09 24.19
CA ASN D 158 26.11 28.50 25.38
C ASN D 158 25.05 27.95 26.31
N SER D 159 24.05 27.27 25.75
CA SER D 159 22.92 26.78 26.54
C SER D 159 22.68 25.31 26.23
N GLN D 160 22.36 24.55 27.27
CA GLN D 160 22.00 23.13 27.14
C GLN D 160 20.58 22.94 27.64
N GLU D 161 19.80 22.12 26.94
CA GLU D 161 18.40 21.89 27.26
C GLU D 161 18.16 20.41 27.48
N SER D 162 17.46 20.07 28.56
CA SER D 162 17.09 18.70 28.87
C SER D 162 15.59 18.64 29.10
N VAL D 163 14.92 17.70 28.44
CA VAL D 163 13.47 17.56 28.49
C VAL D 163 13.13 16.17 29.02
N THR D 164 12.33 16.13 30.07
CA THR D 164 11.90 14.86 30.65
C THR D 164 10.73 14.28 29.86
N GLU D 165 10.54 12.97 30.01
CA GLU D 165 9.43 12.31 29.34
C GLU D 165 8.11 12.72 29.98
N GLN D 166 7.02 12.27 29.39
CA GLN D 166 5.69 12.55 29.94
C GLN D 166 5.58 11.96 31.34
N ASP D 167 5.08 12.77 32.27
CA ASP D 167 4.91 12.31 33.64
C ASP D 167 3.84 11.23 33.69
N SER D 168 4.12 10.19 34.48
CA SER D 168 3.18 9.08 34.64
C SER D 168 2.10 9.38 35.67
N LYS D 169 2.17 10.51 36.36
CA LYS D 169 1.17 10.90 37.34
C LYS D 169 0.41 12.15 36.95
N ASP D 170 1.11 13.25 36.67
CA ASP D 170 0.47 14.50 36.33
C ASP D 170 0.32 14.74 34.83
N SER D 171 1.03 13.98 34.00
CA SER D 171 1.00 14.18 32.55
C SER D 171 1.56 15.55 32.17
N THR D 172 2.72 15.88 32.74
CA THR D 172 3.40 17.14 32.48
C THR D 172 4.85 16.88 32.12
N TYR D 173 5.54 17.92 31.67
CA TYR D 173 6.94 17.85 31.30
C TYR D 173 7.74 18.89 32.07
N SER D 174 9.01 18.57 32.32
CA SER D 174 9.92 19.45 33.04
C SER D 174 11.13 19.75 32.18
N LEU D 175 11.58 21.00 32.19
CA LEU D 175 12.67 21.44 31.33
C LEU D 175 13.81 21.98 32.17
N SER D 176 15.04 21.65 31.77
CA SER D 176 16.23 22.10 32.45
C SER D 176 17.10 22.86 31.46
N SER D 177 17.41 24.11 31.77
CA SER D 177 18.28 24.94 30.95
C SER D 177 19.54 25.20 31.75
N THR D 178 20.68 24.83 31.18
CA THR D 178 21.98 25.00 31.83
C THR D 178 22.79 26.01 31.04
N LEU D 179 23.26 27.04 31.73
CA LEU D 179 24.17 28.02 31.16
C LEU D 179 25.52 27.85 31.82
N THR D 180 26.55 27.57 31.03
CA THR D 180 27.89 27.33 31.55
C THR D 180 28.77 28.52 31.17
N LEU D 181 29.32 29.18 32.18
CA LEU D 181 30.20 30.33 31.97
C LEU D 181 31.53 30.06 32.66
N SER D 182 32.59 30.69 32.15
CA SER D 182 33.87 30.58 32.80
C SER D 182 33.88 31.39 34.09
N LYS D 183 34.98 31.29 34.83
CA LYS D 183 35.13 32.11 36.03
C LYS D 183 35.10 33.58 35.68
N ALA D 184 35.82 33.98 34.63
CA ALA D 184 35.79 35.37 34.19
C ALA D 184 34.41 35.77 33.69
N ASP D 185 33.77 34.88 32.93
CA ASP D 185 32.42 35.17 32.44
C ASP D 185 31.44 35.29 33.60
N TYR D 186 31.57 34.40 34.59
CA TYR D 186 30.70 34.48 35.77
C TYR D 186 30.90 35.77 36.53
N GLU D 187 32.17 36.19 36.68
CA GLU D 187 32.44 37.44 37.39
C GLU D 187 31.96 38.65 36.60
N LYS D 188 32.07 38.60 35.27
CA LYS D 188 31.82 39.76 34.43
C LYS D 188 30.34 40.15 34.35
N HIS D 189 29.44 39.35 34.88
CA HIS D 189 28.02 39.65 34.82
C HIS D 189 27.57 40.41 36.07
N LYS D 190 26.42 41.06 35.96
CA LYS D 190 25.79 41.78 37.07
C LYS D 190 24.47 41.17 37.49
N VAL D 191 23.55 40.93 36.55
CA VAL D 191 22.28 40.27 36.83
C VAL D 191 22.09 39.18 35.78
N TYR D 192 21.69 38.00 36.22
CA TYR D 192 21.43 36.88 35.32
C TYR D 192 19.94 36.57 35.33
N ALA D 193 19.32 36.50 34.16
CA ALA D 193 17.89 36.32 34.07
C ALA D 193 17.54 35.20 33.11
N CYS D 194 16.49 34.47 33.44
CA CYS D 194 15.90 33.47 32.56
C CYS D 194 14.52 33.97 32.14
N GLU D 195 14.28 34.01 30.84
CA GLU D 195 13.01 34.42 30.27
C GLU D 195 12.32 33.18 29.71
N VAL D 196 11.09 32.94 30.15
CA VAL D 196 10.32 31.78 29.75
C VAL D 196 9.17 32.27 28.89
N THR D 197 9.07 31.73 27.67
CA THR D 197 7.97 31.99 26.77
C THR D 197 7.23 30.68 26.54
N HIS D 198 5.93 30.70 26.79
CA HIS D 198 5.11 29.50 26.65
C HIS D 198 3.66 29.92 26.46
N GLN D 199 2.84 28.97 26.01
CA GLN D 199 1.43 29.25 25.77
C GLN D 199 0.70 29.57 27.06
N GLY D 200 0.99 28.84 28.13
CA GLY D 200 0.28 29.05 29.38
C GLY D 200 0.58 30.40 30.01
N LEU D 201 1.82 30.85 29.95
CA LEU D 201 2.19 32.12 30.57
C LEU D 201 1.52 33.26 29.83
N SER D 202 0.95 34.20 30.59
CA SER D 202 0.34 35.38 29.98
C SER D 202 1.38 36.24 29.28
N SER D 203 2.52 36.45 29.93
CA SER D 203 3.63 37.22 29.39
C SER D 203 4.91 36.46 29.65
N PRO D 204 6.00 36.82 28.95
CA PRO D 204 7.28 36.13 29.19
C PRO D 204 7.71 36.28 30.65
N VAL D 205 7.74 35.15 31.35
CA VAL D 205 8.05 35.16 32.78
C VAL D 205 9.56 35.32 32.97
N THR D 206 9.95 36.33 33.73
CA THR D 206 11.35 36.68 33.91
C THR D 206 11.76 36.37 35.34
N LYS D 207 12.66 35.41 35.51
CA LYS D 207 13.22 35.05 36.80
C LYS D 207 14.64 35.59 36.84
N SER D 208 14.89 36.55 37.70
CA SER D 208 16.17 37.24 37.73
C SER D 208 16.88 36.99 39.07
N PHE D 209 18.20 36.93 39.00
CA PHE D 209 19.04 36.81 40.19
C PHE D 209 20.18 37.82 40.07
N ASN D 210 20.38 38.58 41.14
CA ASN D 210 21.50 39.52 41.19
C ASN D 210 22.79 38.74 41.40
N ARG D 211 23.76 38.96 40.51
CA ARG D 211 25.02 38.23 40.55
C ARG D 211 25.85 38.77 41.72
N GLY D 212 25.49 38.31 42.91
CA GLY D 212 26.14 38.78 44.12
C GLY D 212 25.18 38.95 45.28
N GLU D 213 23.91 38.68 45.04
CA GLU D 213 22.90 38.77 46.09
C GLU D 213 23.03 37.60 47.07
#